data_3NYN
#
_entry.id   3NYN
#
_cell.length_a   154.590
_cell.length_b   154.590
_cell.length_c   207.914
_cell.angle_alpha   90.000
_cell.angle_beta   90.000
_cell.angle_gamma   120.000
#
_symmetry.space_group_name_H-M   'P 61'
#
loop_
_entity.id
_entity.type
_entity.pdbx_description
1 polymer 'G protein-coupled receptor kinase 6'
2 non-polymer SANGIVAMYCIN
3 non-polymer 'SULFATE ION'
4 non-polymer (R,R)-2,3-BUTANEDIOL
5 water water
#
_entity_poly.entity_id   1
_entity_poly.type   'polypeptide(L)'
_entity_poly.pdbx_seq_one_letter_code
;(ACE)ELENIVANTVLLKAREGGGGNRKGKSKKWRQMLQFPHISQCEELRLSLERDYHSLCERQPIGRLLFREFCATRPE
LSRCVAFLDGVAEYEVTPDDKRKACGRQLTQNFLSHTGPDLIPEVPRQLVTNCTQRLEQGPCKDLFQELTRLTHEYLSVA
PFADYLDSIYFNRFLQWKWLERQPVTKNTFRQYRVLGKGGFGEVCACQVRATGKMYACKKLEKKRIKKRKGEAMALNEKQ
ILEKVNSRFVVSLAYAYETKDALCLVLTLMNGGDLKFHIYHMGQAGFPEARAVFYAAEICCGLEDLHRERIVYRDLKPEN
ILLDDHGHIRISDLGLAVHVPEGQTIKGRVGTVGYMAPEVVKNERYTFSPDWWALGCLLYEMIAGQSPFQQRKKKIKREE
VERLVKEVPEEYSERFSPQARSLCSQLLCKDPAERLGCRGGSAREVKEHPLFKKLNFKRLGAGMLEPPFKPDPQAIYCKD
VLDIEQFSTVKGVELEPTDQDFYQKFATGSVPIPWQNEMVETECFQELNVFGLDGSVPPDLDWKGQPPAPPKKGLLQRLF
SRQDCCGNCSDSEEELPTRL
;
_entity_poly.pdbx_strand_id   A,B
#
# COMPACT_ATOMS: atom_id res chain seq x y z
N GLU A 2 -14.84 -49.70 -11.78
CA GLU A 2 -14.50 -48.58 -12.68
C GLU A 2 -15.24 -47.29 -12.32
N LEU A 3 -15.59 -47.17 -11.04
CA LEU A 3 -16.06 -45.91 -10.49
C LEU A 3 -14.85 -45.01 -10.33
N GLU A 4 -13.78 -45.60 -9.82
CA GLU A 4 -12.50 -44.90 -9.62
C GLU A 4 -12.10 -44.07 -10.83
N ASN A 5 -12.18 -44.68 -12.02
CA ASN A 5 -11.85 -43.97 -13.27
C ASN A 5 -12.65 -42.69 -13.43
N ILE A 6 -13.97 -42.81 -13.39
CA ILE A 6 -14.85 -41.67 -13.66
C ILE A 6 -14.72 -40.63 -12.54
N VAL A 7 -14.49 -41.10 -11.32
CA VAL A 7 -14.28 -40.22 -10.18
C VAL A 7 -13.09 -39.31 -10.43
N ALA A 8 -11.90 -39.90 -10.51
CA ALA A 8 -10.67 -39.15 -10.65
C ALA A 8 -10.75 -38.15 -11.80
N ASN A 9 -11.38 -38.56 -12.89
CA ASN A 9 -11.52 -37.70 -14.06
C ASN A 9 -12.39 -36.47 -13.79
N THR A 10 -13.50 -36.67 -13.10
CA THR A 10 -14.42 -35.55 -12.83
C THR A 10 -13.80 -34.57 -11.83
N VAL A 11 -13.08 -35.11 -10.85
CA VAL A 11 -12.32 -34.29 -9.90
C VAL A 11 -11.39 -33.36 -10.66
N LEU A 12 -10.43 -33.93 -11.38
CA LEU A 12 -9.45 -33.18 -12.12
C LEU A 12 -10.09 -32.09 -12.97
N LEU A 13 -11.12 -32.43 -13.72
CA LEU A 13 -11.78 -31.46 -14.60
C LEU A 13 -12.38 -30.30 -13.81
N LYS A 14 -12.85 -30.59 -12.60
CA LYS A 14 -13.42 -29.58 -11.73
C LYS A 14 -12.33 -28.60 -11.30
N ALA A 15 -11.22 -29.13 -10.81
CA ALA A 15 -10.07 -28.30 -10.45
C ALA A 15 -9.65 -27.41 -11.61
N ARG A 16 -9.54 -28.01 -12.79
CA ARG A 16 -9.24 -27.28 -14.03
C ARG A 16 -10.32 -26.25 -14.34
N GLU A 17 -11.56 -26.52 -13.96
CA GLU A 17 -12.68 -25.60 -14.18
C GLU A 17 -12.49 -24.31 -13.37
N GLY A 18 -12.69 -24.37 -12.06
CA GLY A 18 -12.56 -23.20 -11.18
C GLY A 18 -12.66 -23.47 -9.70
N GLY A 19 -12.06 -24.58 -9.25
CA GLY A 19 -12.00 -24.95 -7.84
C GLY A 19 -13.34 -24.98 -7.11
N GLY A 20 -13.49 -24.08 -6.15
CA GLY A 20 -14.70 -23.97 -5.33
C GLY A 20 -15.24 -22.55 -5.26
N GLY A 21 -15.69 -22.05 -6.40
CA GLY A 21 -16.37 -20.74 -6.48
C GLY A 21 -15.44 -19.54 -6.57
N ASN A 22 -15.71 -18.53 -5.73
CA ASN A 22 -15.00 -17.24 -5.75
C ASN A 22 -13.48 -17.36 -5.60
N ARG A 23 -13.06 -18.17 -4.63
CA ARG A 23 -11.64 -18.52 -4.46
C ARG A 23 -11.25 -19.48 -5.57
N LYS A 24 -10.39 -19.03 -6.48
CA LYS A 24 -10.09 -19.81 -7.67
C LYS A 24 -9.11 -20.91 -7.31
N GLY A 25 -9.64 -21.95 -6.67
CA GLY A 25 -8.86 -23.10 -6.23
C GLY A 25 -8.08 -22.90 -4.94
N LYS A 26 -8.16 -21.72 -4.34
CA LYS A 26 -7.33 -21.40 -3.18
C LYS A 26 -7.92 -22.00 -1.91
N SER A 27 -7.05 -22.43 -1.00
CA SER A 27 -7.50 -22.93 0.29
C SER A 27 -8.14 -21.80 1.09
N LYS A 28 -9.14 -22.15 1.90
CA LYS A 28 -9.89 -21.16 2.66
C LYS A 28 -8.98 -20.43 3.67
N LYS A 29 -7.81 -20.99 3.96
CA LYS A 29 -6.85 -20.32 4.84
C LYS A 29 -5.55 -19.93 4.12
N TRP A 30 -5.68 -19.46 2.88
CA TRP A 30 -4.53 -19.05 2.09
C TRP A 30 -3.87 -17.79 2.59
N ARG A 31 -4.66 -16.85 3.10
CA ARG A 31 -4.09 -15.60 3.59
C ARG A 31 -3.13 -15.87 4.72
N GLN A 32 -3.46 -16.88 5.53
CA GLN A 32 -2.58 -17.32 6.61
C GLN A 32 -1.32 -17.91 6.03
N MET A 33 -1.51 -18.78 5.04
CA MET A 33 -0.38 -19.44 4.42
C MET A 33 0.60 -18.44 3.81
N LEU A 34 0.11 -17.29 3.36
CA LEU A 34 0.95 -16.31 2.67
C LEU A 34 1.19 -15.07 3.52
N GLN A 35 1.13 -15.25 4.84
CA GLN A 35 1.34 -14.15 5.75
C GLN A 35 2.78 -13.66 5.68
N PHE A 36 2.97 -12.35 5.51
CA PHE A 36 4.33 -11.82 5.42
C PHE A 36 5.01 -12.02 6.74
N PRO A 37 6.34 -12.02 6.70
CA PRO A 37 7.14 -12.14 7.89
C PRO A 37 7.45 -10.80 8.48
N HIS A 38 8.11 -10.80 9.61
CA HIS A 38 8.51 -9.56 10.24
C HIS A 38 9.65 -8.94 9.46
N ILE A 39 9.82 -7.63 9.58
CA ILE A 39 10.89 -6.95 8.84
C ILE A 39 12.23 -7.45 9.34
N SER A 40 12.36 -7.61 10.65
CA SER A 40 13.56 -8.19 11.26
C SER A 40 13.89 -9.54 10.66
N GLN A 41 12.86 -10.33 10.36
CA GLN A 41 13.02 -11.62 9.70
C GLN A 41 13.56 -11.53 8.28
N CYS A 42 13.84 -10.32 7.78
CA CYS A 42 14.29 -10.18 6.41
C CYS A 42 15.75 -9.80 6.29
N GLU A 43 16.37 -9.27 7.35
CA GLU A 43 17.73 -8.76 7.22
C GLU A 43 18.71 -9.84 6.70
N GLU A 44 18.82 -10.96 7.40
CA GLU A 44 19.68 -12.05 6.94
C GLU A 44 19.63 -12.12 5.41
N LEU A 45 18.40 -12.13 4.89
CA LEU A 45 18.14 -12.25 3.47
C LEU A 45 18.61 -11.02 2.71
N ARG A 46 18.35 -9.83 3.24
CA ARG A 46 18.75 -8.59 2.54
C ARG A 46 20.21 -8.70 2.13
N LEU A 47 21.07 -8.90 3.14
CA LEU A 47 22.49 -9.18 2.94
C LEU A 47 22.77 -10.24 1.84
N SER A 48 22.12 -11.39 1.90
CA SER A 48 22.34 -12.40 0.85
C SER A 48 22.21 -11.80 -0.55
N LEU A 49 21.16 -11.02 -0.79
CA LEU A 49 20.82 -10.63 -2.15
C LEU A 49 21.83 -9.66 -2.75
N GLU A 50 22.40 -10.03 -3.89
CA GLU A 50 23.31 -9.14 -4.59
C GLU A 50 22.51 -7.97 -5.09
N ARG A 51 23.08 -6.78 -4.97
CA ARG A 51 22.46 -5.57 -5.49
C ARG A 51 22.63 -5.48 -7.00
N ASP A 52 21.77 -6.17 -7.73
CA ASP A 52 21.91 -6.25 -9.17
C ASP A 52 20.67 -5.79 -9.92
N TYR A 53 20.70 -4.55 -10.41
CA TYR A 53 19.65 -4.00 -11.30
C TYR A 53 18.99 -5.04 -12.18
N HIS A 54 19.79 -5.74 -12.96
CA HIS A 54 19.24 -6.68 -13.90
C HIS A 54 18.50 -7.83 -13.22
N SER A 55 18.92 -8.21 -12.02
CA SER A 55 18.26 -9.33 -11.35
C SER A 55 17.00 -8.87 -10.65
N LEU A 56 17.15 -7.79 -9.88
CA LEU A 56 16.10 -7.31 -9.00
C LEU A 56 15.03 -6.47 -9.70
N CYS A 57 15.36 -5.89 -10.85
CA CYS A 57 14.41 -4.99 -11.51
C CYS A 57 13.95 -5.43 -12.90
N GLU A 58 14.58 -6.45 -13.45
CA GLU A 58 14.28 -6.85 -14.80
C GLU A 58 13.88 -8.31 -14.90
N ARG A 59 14.74 -9.21 -14.42
CA ARG A 59 14.46 -10.64 -14.56
C ARG A 59 13.32 -11.12 -13.66
N GLN A 60 13.18 -10.54 -12.47
CA GLN A 60 12.30 -11.07 -11.45
C GLN A 60 10.96 -10.34 -11.39
N PRO A 61 9.92 -10.88 -12.05
CA PRO A 61 8.66 -10.16 -12.30
C PRO A 61 8.09 -9.40 -11.10
N ILE A 62 7.99 -10.05 -9.94
CA ILE A 62 7.51 -9.29 -8.79
C ILE A 62 8.44 -8.12 -8.52
N GLY A 63 9.74 -8.42 -8.51
CA GLY A 63 10.75 -7.40 -8.31
C GLY A 63 10.58 -6.28 -9.33
N ARG A 64 10.30 -6.65 -10.58
CA ARG A 64 10.09 -5.66 -11.64
C ARG A 64 8.85 -4.80 -11.36
N LEU A 65 7.72 -5.47 -11.09
CA LEU A 65 6.53 -4.76 -10.66
C LEU A 65 6.83 -3.80 -9.53
N LEU A 66 7.41 -4.31 -8.46
CA LEU A 66 7.66 -3.46 -7.29
C LEU A 66 8.45 -2.23 -7.69
N PHE A 67 9.41 -2.38 -8.60
CA PHE A 67 10.19 -1.24 -9.07
C PHE A 67 9.33 -0.28 -9.86
N ARG A 68 8.65 -0.82 -10.87
CA ARG A 68 7.70 -0.03 -11.62
C ARG A 68 6.82 0.74 -10.69
N GLU A 69 6.14 0.02 -9.78
CA GLU A 69 5.27 0.66 -8.76
C GLU A 69 6.03 1.81 -8.09
N PHE A 70 7.28 1.57 -7.69
CA PHE A 70 8.09 2.61 -7.05
C PHE A 70 8.23 3.83 -7.94
N CYS A 71 8.51 3.59 -9.22
CA CYS A 71 8.70 4.68 -10.19
C CYS A 71 7.43 5.50 -10.38
N ALA A 72 6.27 4.90 -10.14
CA ALA A 72 5.01 5.65 -10.20
C ALA A 72 4.99 6.83 -9.21
N THR A 73 5.72 6.74 -8.11
CA THR A 73 5.71 7.80 -7.09
C THR A 73 6.39 9.10 -7.55
N ARG A 74 7.26 8.99 -8.56
CA ARG A 74 8.02 10.15 -9.06
C ARG A 74 7.83 10.31 -10.58
N PRO A 75 7.23 11.43 -11.01
CA PRO A 75 6.91 11.60 -12.44
C PRO A 75 8.08 11.46 -13.41
N GLU A 76 9.25 11.99 -13.04
CA GLU A 76 10.41 11.89 -13.95
C GLU A 76 10.70 10.42 -14.23
N LEU A 77 10.58 9.58 -13.20
CA LEU A 77 10.75 8.14 -13.38
C LEU A 77 9.55 7.57 -14.14
N SER A 78 8.36 7.71 -13.57
CA SER A 78 7.16 7.14 -14.21
C SER A 78 7.20 7.31 -15.71
N ARG A 79 7.54 8.51 -16.18
CA ARG A 79 7.56 8.73 -17.61
C ARG A 79 8.64 7.91 -18.33
N CYS A 80 9.81 7.69 -17.72
CA CYS A 80 10.79 6.75 -18.30
C CYS A 80 10.13 5.40 -18.57
N VAL A 81 9.57 4.81 -17.52
CA VAL A 81 8.93 3.51 -17.61
C VAL A 81 7.92 3.44 -18.76
N ALA A 82 7.10 4.47 -18.88
CA ALA A 82 6.18 4.58 -20.00
C ALA A 82 6.92 4.56 -21.35
N PHE A 83 8.07 5.23 -21.40
CA PHE A 83 8.84 5.33 -22.63
C PHE A 83 9.31 3.95 -23.04
N LEU A 84 10.08 3.32 -22.17
CA LEU A 84 10.53 1.95 -22.42
C LEU A 84 9.37 1.05 -22.83
N ASP A 85 8.24 1.19 -22.14
CA ASP A 85 7.04 0.43 -22.50
C ASP A 85 6.71 0.65 -23.96
N GLY A 86 6.64 1.92 -24.35
CA GLY A 86 6.33 2.28 -25.75
C GLY A 86 7.22 1.62 -26.78
N VAL A 87 8.52 1.66 -26.54
CA VAL A 87 9.49 1.09 -27.49
C VAL A 87 9.36 -0.44 -27.60
N ALA A 88 9.21 -1.11 -26.47
CA ALA A 88 8.98 -2.56 -26.45
C ALA A 88 7.79 -2.93 -27.31
N GLU A 89 6.72 -2.15 -27.21
CA GLU A 89 5.55 -2.36 -28.04
C GLU A 89 5.93 -2.06 -29.48
N TYR A 90 6.44 -0.86 -29.71
CA TYR A 90 6.85 -0.40 -31.04
C TYR A 90 7.61 -1.49 -31.78
N GLU A 91 8.64 -2.03 -31.14
CA GLU A 91 9.50 -3.04 -31.77
C GLU A 91 8.76 -4.29 -32.22
N VAL A 92 7.63 -4.57 -31.60
CA VAL A 92 6.82 -5.73 -31.95
C VAL A 92 5.58 -5.34 -32.75
N THR A 93 5.43 -4.06 -33.07
CA THR A 93 4.32 -3.59 -33.87
C THR A 93 4.64 -3.83 -35.35
N PRO A 94 3.71 -4.43 -36.11
CA PRO A 94 3.98 -4.80 -37.49
C PRO A 94 4.29 -3.64 -38.44
N ASP A 95 4.93 -3.95 -39.57
CA ASP A 95 5.47 -2.97 -40.52
C ASP A 95 4.52 -1.82 -40.87
N ASP A 96 3.32 -2.16 -41.32
CA ASP A 96 2.34 -1.15 -41.77
C ASP A 96 1.91 -0.18 -40.66
N LYS A 97 1.65 -0.71 -39.47
CA LYS A 97 1.22 0.09 -38.31
C LYS A 97 2.36 0.82 -37.61
N ARG A 98 3.61 0.43 -37.90
CA ARG A 98 4.77 0.86 -37.11
C ARG A 98 4.99 2.36 -37.10
N LYS A 99 5.13 2.97 -38.28
CA LYS A 99 5.43 4.41 -38.35
C LYS A 99 4.33 5.25 -37.69
N ALA A 100 3.07 4.82 -37.84
CA ALA A 100 1.95 5.48 -37.19
C ALA A 100 2.12 5.46 -35.68
N CYS A 101 2.47 4.29 -35.15
CA CYS A 101 2.74 4.11 -33.72
C CYS A 101 4.02 4.85 -33.29
N GLY A 102 5.06 4.75 -34.11
CA GLY A 102 6.36 5.33 -33.81
C GLY A 102 6.35 6.84 -33.60
N ARG A 103 5.52 7.54 -34.37
CA ARG A 103 5.43 9.00 -34.23
C ARG A 103 4.79 9.41 -32.91
N GLN A 104 3.78 8.67 -32.47
CA GLN A 104 3.12 8.97 -31.20
C GLN A 104 4.15 9.05 -30.08
N LEU A 105 5.11 8.13 -30.08
CA LEU A 105 6.17 8.13 -29.09
C LEU A 105 7.04 9.37 -29.25
N THR A 106 7.55 9.55 -30.46
CA THR A 106 8.39 10.70 -30.77
C THR A 106 7.75 11.99 -30.29
N GLN A 107 6.47 12.16 -30.60
CA GLN A 107 5.74 13.37 -30.25
C GLN A 107 5.55 13.50 -28.73
N ASN A 108 5.25 12.38 -28.07
CA ASN A 108 5.02 12.37 -26.63
C ASN A 108 6.30 12.59 -25.83
N PHE A 109 7.26 11.69 -26.00
CA PHE A 109 8.44 11.66 -25.13
C PHE A 109 9.62 12.51 -25.60
N LEU A 110 9.49 13.17 -26.75
CA LEU A 110 10.58 14.02 -27.26
C LEU A 110 10.11 15.39 -27.74
N SER A 111 9.01 15.88 -27.18
CA SER A 111 8.55 17.25 -27.45
C SER A 111 9.57 18.23 -26.87
N HIS A 112 10.18 19.02 -27.75
CA HIS A 112 11.27 19.93 -27.34
C HIS A 112 10.80 21.09 -26.44
N THR A 113 9.50 21.37 -26.43
CA THR A 113 8.93 22.40 -25.56
C THR A 113 8.65 21.88 -24.14
N GLY A 114 8.19 20.63 -24.05
CA GLY A 114 7.85 20.02 -22.76
C GLY A 114 9.07 19.61 -21.94
N PRO A 115 8.86 19.06 -20.73
CA PRO A 115 9.96 18.66 -19.85
C PRO A 115 10.90 17.61 -20.47
N ASP A 116 12.13 17.55 -19.96
CA ASP A 116 13.13 16.60 -20.47
C ASP A 116 12.87 15.17 -19.99
N LEU A 117 13.29 14.20 -20.80
CA LEU A 117 13.13 12.79 -20.47
C LEU A 117 14.09 12.41 -19.34
N ILE A 118 15.38 12.59 -19.58
CA ILE A 118 16.41 12.36 -18.56
C ILE A 118 17.08 13.71 -18.22
N PRO A 119 17.76 13.79 -17.06
CA PRO A 119 18.40 15.04 -16.65
C PRO A 119 19.39 15.62 -17.68
N GLU A 120 20.07 14.75 -18.44
CA GLU A 120 21.03 15.20 -19.46
C GLU A 120 20.86 14.42 -20.77
N VAL A 121 20.06 14.97 -21.68
CA VAL A 121 19.81 14.36 -22.99
C VAL A 121 20.50 15.19 -24.08
N PRO A 122 21.60 14.66 -24.66
CA PRO A 122 22.28 15.33 -25.77
C PRO A 122 21.32 15.64 -26.93
N ARG A 123 21.39 16.86 -27.44
CA ARG A 123 20.44 17.32 -28.46
C ARG A 123 20.61 16.63 -29.81
N GLN A 124 21.85 16.41 -30.21
CA GLN A 124 22.16 15.75 -31.49
C GLN A 124 21.49 14.39 -31.63
N LEU A 125 21.40 13.66 -30.51
CA LEU A 125 20.77 12.34 -30.50
C LEU A 125 19.26 12.39 -30.72
N VAL A 126 18.66 13.55 -30.48
CA VAL A 126 17.21 13.73 -30.68
C VAL A 126 16.88 13.95 -32.15
N THR A 127 17.62 14.85 -32.80
CA THR A 127 17.39 15.19 -34.21
C THR A 127 17.56 13.99 -35.13
N ASN A 128 18.49 13.11 -34.78
CA ASN A 128 18.79 11.93 -35.59
C ASN A 128 17.59 11.00 -35.75
N CYS A 129 16.83 10.81 -34.67
CA CYS A 129 15.67 9.91 -34.69
C CYS A 129 14.56 10.45 -35.58
N THR A 130 14.18 11.71 -35.37
CA THR A 130 13.17 12.36 -36.20
C THR A 130 13.47 12.14 -37.68
N GLN A 131 14.75 12.25 -38.02
CA GLN A 131 15.23 12.05 -39.38
C GLN A 131 15.20 10.57 -39.78
N ARG A 132 15.89 9.74 -39.00
CA ARG A 132 16.00 8.30 -39.28
C ARG A 132 14.64 7.60 -39.36
N LEU A 133 13.69 8.05 -38.55
CA LEU A 133 12.35 7.43 -38.48
C LEU A 133 11.57 7.55 -39.77
N GLU A 134 11.34 8.80 -40.19
CA GLU A 134 10.35 9.12 -41.22
C GLU A 134 10.64 8.48 -42.58
N GLN A 135 11.91 8.17 -42.84
CA GLN A 135 12.33 7.55 -44.10
C GLN A 135 12.36 6.02 -44.03
N GLY A 136 12.90 5.49 -42.94
CA GLY A 136 13.03 4.04 -42.77
C GLY A 136 12.97 3.64 -41.30
N PRO A 137 11.75 3.42 -40.78
CA PRO A 137 11.60 3.04 -39.38
C PRO A 137 12.08 1.61 -39.10
N CYS A 138 13.28 1.50 -38.53
CA CYS A 138 13.90 0.21 -38.25
C CYS A 138 13.64 -0.27 -36.81
N LYS A 139 13.96 -1.53 -36.55
CA LYS A 139 13.71 -2.16 -35.25
C LYS A 139 14.59 -1.58 -34.14
N ASP A 140 15.84 -1.25 -34.49
CA ASP A 140 16.80 -0.68 -33.52
C ASP A 140 16.86 0.85 -33.61
N LEU A 141 15.71 1.48 -33.84
CA LEU A 141 15.65 2.93 -34.00
C LEU A 141 16.00 3.65 -32.71
N PHE A 142 15.36 3.25 -31.61
CA PHE A 142 15.50 3.93 -30.33
C PHE A 142 16.55 3.34 -29.40
N GLN A 143 17.23 2.29 -29.84
CA GLN A 143 18.26 1.65 -29.02
C GLN A 143 19.19 2.63 -28.32
N GLU A 144 19.48 3.76 -28.96
CA GLU A 144 20.33 4.79 -28.36
C GLU A 144 19.70 5.31 -27.09
N LEU A 145 18.43 5.72 -27.16
CA LEU A 145 17.72 6.26 -26.00
C LEU A 145 17.44 5.19 -24.94
N THR A 146 16.92 4.05 -25.38
CA THR A 146 16.73 2.91 -24.50
C THR A 146 17.96 2.68 -23.63
N ARG A 147 19.12 2.54 -24.26
CA ARG A 147 20.35 2.26 -23.54
C ARG A 147 20.64 3.32 -22.47
N LEU A 148 20.39 4.57 -22.80
CA LEU A 148 20.68 5.67 -21.89
C LEU A 148 19.69 5.70 -20.73
N THR A 149 18.44 5.38 -21.04
CA THR A 149 17.40 5.31 -20.02
C THR A 149 17.73 4.27 -18.96
N HIS A 150 18.11 3.08 -19.40
CA HIS A 150 18.45 2.01 -18.47
C HIS A 150 19.69 2.38 -17.67
N GLU A 151 20.67 2.99 -18.33
CA GLU A 151 21.87 3.46 -17.63
C GLU A 151 21.51 4.47 -16.56
N TYR A 152 20.48 5.27 -16.81
CA TYR A 152 19.99 6.24 -15.84
C TYR A 152 19.38 5.52 -14.66
N LEU A 153 18.37 4.70 -14.93
CA LEU A 153 17.61 4.06 -13.85
C LEU A 153 18.50 3.18 -12.99
N SER A 154 19.41 2.45 -13.63
CA SER A 154 20.22 1.46 -12.92
C SER A 154 21.19 2.04 -11.91
N VAL A 155 21.29 3.36 -11.84
CA VAL A 155 22.21 4.00 -10.89
C VAL A 155 21.47 4.61 -9.69
N ALA A 156 20.94 5.83 -9.81
CA ALA A 156 20.34 6.50 -8.65
C ALA A 156 18.95 5.95 -8.32
N PRO A 157 18.01 6.01 -9.28
CA PRO A 157 16.67 5.55 -8.96
C PRO A 157 16.67 4.13 -8.42
N PHE A 158 17.60 3.33 -8.89
CA PHE A 158 17.83 2.01 -8.33
C PHE A 158 18.19 2.14 -6.85
N ALA A 159 19.25 2.88 -6.57
CA ALA A 159 19.72 3.06 -5.21
C ALA A 159 18.57 3.56 -4.32
N ASP A 160 17.88 4.59 -4.79
CA ASP A 160 16.77 5.16 -4.05
C ASP A 160 15.69 4.12 -3.79
N TYR A 161 15.47 3.24 -4.74
CA TYR A 161 14.49 2.15 -4.57
C TYR A 161 14.93 1.17 -3.50
N LEU A 162 16.09 0.55 -3.73
CA LEU A 162 16.69 -0.33 -2.74
C LEU A 162 16.49 0.23 -1.34
N ASP A 163 16.66 1.53 -1.20
CA ASP A 163 16.52 2.18 0.11
C ASP A 163 15.12 2.78 0.31
N SER A 164 14.10 2.09 -0.19
CA SER A 164 12.71 2.53 -0.03
C SER A 164 11.84 1.42 0.54
N ILE A 165 10.61 1.78 0.87
CA ILE A 165 9.65 0.79 1.35
C ILE A 165 9.42 -0.31 0.33
N TYR A 166 9.51 0.03 -0.95
CA TYR A 166 9.09 -0.93 -1.95
C TYR A 166 9.99 -2.14 -1.85
N PHE A 167 11.27 -1.90 -1.53
CA PHE A 167 12.22 -3.01 -1.42
C PHE A 167 11.97 -3.83 -0.17
N ASN A 168 11.63 -3.15 0.93
CA ASN A 168 11.21 -3.87 2.12
C ASN A 168 10.10 -4.85 1.70
N ARG A 169 9.11 -4.36 0.96
CA ARG A 169 8.07 -5.27 0.51
C ARG A 169 8.70 -6.40 -0.29
N PHE A 170 9.54 -6.08 -1.26
CA PHE A 170 10.17 -7.13 -2.07
C PHE A 170 10.89 -8.16 -1.21
N LEU A 171 11.56 -7.71 -0.14
CA LEU A 171 12.30 -8.62 0.70
C LEU A 171 11.35 -9.62 1.30
N GLN A 172 10.26 -9.12 1.85
CA GLN A 172 9.21 -9.98 2.36
C GLN A 172 8.72 -10.92 1.28
N TRP A 173 8.41 -10.40 0.11
CA TRP A 173 7.91 -11.30 -0.92
C TRP A 173 8.91 -12.42 -1.15
N LYS A 174 10.19 -12.07 -1.15
CA LYS A 174 11.27 -13.01 -1.40
C LYS A 174 11.33 -14.05 -0.29
N TRP A 175 11.27 -13.57 0.95
CA TRP A 175 11.27 -14.45 2.12
C TRP A 175 10.27 -15.57 1.90
N LEU A 176 9.04 -15.22 1.53
CA LEU A 176 8.05 -16.27 1.18
C LEU A 176 8.58 -17.29 0.17
N GLU A 177 9.18 -16.86 -0.94
CA GLU A 177 9.60 -17.87 -1.92
C GLU A 177 10.72 -18.78 -1.37
N ARG A 178 11.48 -18.29 -0.38
CA ARG A 178 12.56 -19.09 0.21
C ARG A 178 12.05 -20.09 1.22
N GLN A 179 10.80 -19.91 1.67
CA GLN A 179 10.23 -20.85 2.64
C GLN A 179 10.17 -22.25 2.06
N PRO A 180 10.41 -23.27 2.90
CA PRO A 180 10.53 -24.62 2.42
C PRO A 180 9.23 -25.12 1.85
N VAL A 181 9.36 -25.94 0.81
CA VAL A 181 8.26 -26.54 0.10
C VAL A 181 8.23 -28.00 0.49
N THR A 182 7.03 -28.53 0.70
CA THR A 182 6.86 -29.94 1.04
C THR A 182 5.57 -30.47 0.47
N LYS A 183 5.41 -31.79 0.58
CA LYS A 183 4.19 -32.51 0.25
C LYS A 183 2.94 -31.65 0.53
N ASN A 184 2.89 -31.11 1.73
CA ASN A 184 1.76 -30.31 2.21
C ASN A 184 1.46 -29.02 1.47
N THR A 185 2.37 -28.55 0.63
CA THR A 185 2.16 -27.37 -0.18
C THR A 185 1.06 -27.58 -1.22
N PHE A 186 0.92 -28.81 -1.70
CA PHE A 186 0.08 -29.10 -2.86
C PHE A 186 -1.06 -30.07 -2.59
N ARG A 187 -2.04 -30.08 -3.50
CA ARG A 187 -3.06 -31.11 -3.56
C ARG A 187 -2.71 -32.02 -4.71
N GLN A 188 -2.86 -33.33 -4.55
CA GLN A 188 -2.53 -34.28 -5.62
C GLN A 188 -3.80 -34.80 -6.29
N TYR A 189 -3.70 -35.11 -7.57
CA TYR A 189 -4.80 -35.69 -8.32
C TYR A 189 -4.35 -36.99 -9.01
N ARG A 190 -5.24 -37.53 -9.84
CA ARG A 190 -4.96 -38.73 -10.63
C ARG A 190 -3.66 -38.63 -11.40
N VAL A 191 -3.01 -39.79 -11.62
CA VAL A 191 -1.77 -39.83 -12.41
C VAL A 191 -2.12 -39.65 -13.87
N LEU A 192 -1.16 -39.15 -14.64
CA LEU A 192 -1.32 -38.89 -16.07
C LEU A 192 -0.33 -39.69 -16.94
N GLY A 193 0.53 -40.48 -16.31
CA GLY A 193 1.52 -41.25 -17.06
C GLY A 193 2.53 -41.95 -16.18
N LYS A 194 3.28 -42.86 -16.80
CA LYS A 194 4.40 -43.53 -16.14
C LYS A 194 5.71 -43.02 -16.73
N GLY A 195 6.50 -42.35 -15.90
CA GLY A 195 7.84 -41.90 -16.29
C GLY A 195 8.84 -43.04 -16.27
N GLY A 196 10.09 -42.70 -16.51
CA GLY A 196 11.18 -43.66 -16.38
C GLY A 196 11.33 -44.10 -14.94
N PHE A 197 11.19 -43.14 -14.02
CA PHE A 197 11.47 -43.38 -12.61
C PHE A 197 10.26 -43.25 -11.67
N GLY A 198 9.08 -42.95 -12.21
CA GLY A 198 7.89 -42.84 -11.37
C GLY A 198 6.65 -42.33 -12.07
N GLU A 199 5.66 -41.92 -11.29
CA GLU A 199 4.40 -41.43 -11.82
C GLU A 199 4.53 -39.97 -12.23
N VAL A 200 3.56 -39.49 -13.00
CA VAL A 200 3.44 -38.08 -13.35
C VAL A 200 1.98 -37.71 -13.22
N CYS A 201 1.62 -37.00 -12.15
CA CYS A 201 0.23 -36.66 -11.86
C CYS A 201 0.00 -35.15 -11.84
N ALA A 202 -1.25 -34.76 -12.09
CA ALA A 202 -1.68 -33.38 -11.89
C ALA A 202 -1.60 -33.02 -10.42
N CYS A 203 -1.52 -31.73 -10.12
CA CYS A 203 -1.47 -31.22 -8.75
C CYS A 203 -1.78 -29.73 -8.69
N GLN A 204 -1.98 -29.22 -7.47
CA GLN A 204 -2.40 -27.84 -7.23
C GLN A 204 -1.73 -27.25 -6.01
N VAL A 205 -1.20 -26.04 -6.14
CA VAL A 205 -0.66 -25.31 -5.00
C VAL A 205 -1.82 -24.88 -4.11
N ARG A 206 -1.79 -25.29 -2.84
CA ARG A 206 -2.92 -25.01 -1.95
C ARG A 206 -3.11 -23.51 -1.77
N ALA A 207 -2.05 -22.81 -1.42
CA ALA A 207 -2.14 -21.38 -1.13
C ALA A 207 -2.66 -20.57 -2.33
N THR A 208 -2.29 -20.96 -3.55
CA THR A 208 -2.55 -20.13 -4.74
C THR A 208 -3.52 -20.71 -5.76
N GLY A 209 -3.81 -21.99 -5.65
CA GLY A 209 -4.71 -22.67 -6.58
C GLY A 209 -4.23 -22.89 -8.01
N LYS A 210 -2.96 -22.61 -8.30
CA LYS A 210 -2.45 -22.80 -9.65
C LYS A 210 -2.19 -24.28 -9.84
N MET A 211 -2.46 -24.74 -11.06
CA MET A 211 -2.30 -26.13 -11.43
C MET A 211 -0.90 -26.36 -11.98
N TYR A 212 -0.29 -27.46 -11.57
CA TYR A 212 0.99 -27.89 -12.11
C TYR A 212 0.94 -29.40 -12.35
N ALA A 213 1.89 -29.90 -13.15
CA ALA A 213 2.15 -31.32 -13.28
C ALA A 213 3.26 -31.67 -12.32
N CYS A 214 3.18 -32.85 -11.71
CA CYS A 214 4.19 -33.25 -10.73
C CYS A 214 4.87 -34.53 -11.16
N LYS A 215 6.10 -34.41 -11.66
CA LYS A 215 6.87 -35.58 -12.08
C LYS A 215 7.55 -36.15 -10.86
N LYS A 216 7.12 -37.33 -10.45
CA LYS A 216 7.70 -38.01 -9.30
C LYS A 216 8.80 -38.95 -9.76
N LEU A 217 9.90 -38.96 -9.02
CA LEU A 217 11.01 -39.86 -9.31
C LEU A 217 11.30 -40.64 -8.03
N GLU A 218 11.02 -41.93 -8.05
CA GLU A 218 11.07 -42.73 -6.82
C GLU A 218 12.49 -42.94 -6.34
N LYS A 219 12.73 -42.64 -5.06
CA LYS A 219 14.09 -42.63 -4.50
C LYS A 219 14.81 -43.95 -4.72
N LYS A 220 14.09 -45.05 -4.60
CA LYS A 220 14.67 -46.38 -4.76
C LYS A 220 15.01 -46.64 -6.22
N ARG A 221 14.00 -46.55 -7.10
CA ARG A 221 14.23 -46.78 -8.53
C ARG A 221 15.41 -45.98 -9.08
N ILE A 222 15.70 -44.83 -8.49
CA ILE A 222 16.87 -44.04 -8.89
C ILE A 222 18.18 -44.72 -8.50
N LYS A 223 18.27 -45.17 -7.25
CA LYS A 223 19.52 -45.78 -6.78
C LYS A 223 19.81 -47.07 -7.55
N LYS A 224 18.77 -47.88 -7.75
CA LYS A 224 18.89 -49.15 -8.47
C LYS A 224 19.48 -48.91 -9.85
N ARG A 225 18.84 -48.04 -10.64
CA ARG A 225 19.34 -47.71 -11.98
C ARG A 225 20.52 -46.72 -11.97
N LYS A 226 20.95 -46.30 -10.79
CA LYS A 226 22.01 -45.29 -10.64
C LYS A 226 21.77 -44.06 -11.54
N GLY A 227 20.54 -43.56 -11.50
CA GLY A 227 20.14 -42.40 -12.31
C GLY A 227 20.15 -41.11 -11.52
N GLU A 228 21.14 -40.95 -10.65
CA GLU A 228 21.27 -39.75 -9.85
C GLU A 228 21.62 -38.57 -10.74
N ALA A 229 22.53 -38.80 -11.67
CA ALA A 229 22.92 -37.76 -12.62
C ALA A 229 21.72 -37.30 -13.43
N MET A 230 20.97 -38.26 -13.99
CA MET A 230 19.81 -37.93 -14.83
C MET A 230 18.78 -37.06 -14.13
N ALA A 231 18.56 -37.31 -12.84
CA ALA A 231 17.56 -36.58 -12.08
C ALA A 231 18.02 -35.16 -11.81
N LEU A 232 19.19 -35.03 -11.21
CA LEU A 232 19.75 -33.71 -10.94
C LEU A 232 19.91 -32.89 -12.22
N ASN A 233 20.10 -33.58 -13.34
CA ASN A 233 20.37 -32.90 -14.59
C ASN A 233 19.10 -32.23 -15.12
N GLU A 234 18.03 -33.00 -15.25
CA GLU A 234 16.74 -32.46 -15.67
C GLU A 234 16.35 -31.29 -14.78
N LYS A 235 16.64 -31.39 -13.49
CA LYS A 235 16.33 -30.31 -12.57
C LYS A 235 17.14 -29.09 -12.95
N GLN A 236 18.44 -29.15 -12.72
CA GLN A 236 19.31 -27.99 -12.98
C GLN A 236 19.03 -27.36 -14.34
N ILE A 237 18.70 -28.16 -15.33
CA ILE A 237 18.42 -27.63 -16.67
C ILE A 237 17.10 -26.84 -16.71
N LEU A 238 16.01 -27.48 -16.30
CA LEU A 238 14.69 -26.83 -16.30
C LEU A 238 14.67 -25.63 -15.36
N GLU A 239 15.48 -25.70 -14.33
CA GLU A 239 15.64 -24.60 -13.41
C GLU A 239 16.13 -23.36 -14.18
N LYS A 240 16.97 -23.55 -15.19
CA LYS A 240 17.62 -22.42 -15.87
C LYS A 240 16.81 -21.92 -17.07
N VAL A 241 16.16 -22.84 -17.75
CA VAL A 241 15.54 -22.53 -19.02
C VAL A 241 14.26 -21.76 -18.80
N ASN A 242 14.15 -20.58 -19.41
CA ASN A 242 12.95 -19.74 -19.32
C ASN A 242 12.35 -19.54 -20.72
N SER A 243 12.17 -20.64 -21.44
CA SER A 243 11.67 -20.63 -22.82
C SER A 243 10.18 -20.78 -22.88
N ARG A 244 9.59 -20.23 -23.94
CA ARG A 244 8.15 -20.38 -24.16
C ARG A 244 7.77 -21.78 -24.64
N PHE A 245 8.75 -22.54 -25.12
CA PHE A 245 8.48 -23.87 -25.63
C PHE A 245 9.11 -24.99 -24.83
N VAL A 246 9.43 -24.76 -23.56
CA VAL A 246 9.95 -25.84 -22.74
C VAL A 246 9.29 -25.77 -21.39
N VAL A 247 8.76 -26.90 -20.92
CA VAL A 247 8.05 -26.92 -19.66
C VAL A 247 8.93 -26.25 -18.63
N SER A 248 8.36 -25.31 -17.90
CA SER A 248 9.11 -24.60 -16.89
C SER A 248 8.93 -25.32 -15.56
N LEU A 249 9.93 -25.20 -14.68
CA LEU A 249 9.94 -25.85 -13.38
C LEU A 249 9.70 -24.82 -12.31
N ALA A 250 8.77 -25.11 -11.40
CA ALA A 250 8.38 -24.15 -10.37
C ALA A 250 8.83 -24.58 -8.96
N TYR A 251 8.98 -25.88 -8.75
CA TYR A 251 9.35 -26.36 -7.43
C TYR A 251 10.15 -27.66 -7.54
N ALA A 252 11.06 -27.86 -6.59
CA ALA A 252 11.77 -29.12 -6.45
C ALA A 252 11.83 -29.50 -4.98
N TYR A 253 11.13 -30.55 -4.60
CA TYR A 253 11.10 -31.01 -3.22
C TYR A 253 11.19 -32.52 -3.13
N GLU A 254 11.17 -33.04 -1.90
CA GLU A 254 11.25 -34.49 -1.67
C GLU A 254 10.16 -35.00 -0.74
N THR A 255 9.89 -36.30 -0.84
CA THR A 255 9.00 -37.00 0.08
C THR A 255 9.74 -38.22 0.60
N LYS A 256 9.08 -39.02 1.43
CA LYS A 256 9.66 -40.28 1.90
C LYS A 256 10.09 -41.13 0.73
N ASP A 257 9.20 -41.30 -0.25
CA ASP A 257 9.42 -42.25 -1.34
C ASP A 257 9.98 -41.67 -2.62
N ALA A 258 9.98 -40.34 -2.79
CA ALA A 258 10.37 -39.77 -4.09
C ALA A 258 10.78 -38.31 -4.10
N LEU A 259 11.50 -37.97 -5.16
CA LEU A 259 11.86 -36.60 -5.48
C LEU A 259 10.89 -36.09 -6.53
N CYS A 260 10.37 -34.88 -6.36
CA CYS A 260 9.39 -34.35 -7.30
C CYS A 260 9.87 -33.11 -8.04
N LEU A 261 9.50 -33.03 -9.31
CA LEU A 261 9.62 -31.81 -10.09
C LEU A 261 8.21 -31.36 -10.42
N VAL A 262 7.91 -30.11 -10.09
CA VAL A 262 6.61 -29.54 -10.36
C VAL A 262 6.74 -28.71 -11.60
N LEU A 263 5.94 -29.02 -12.62
CA LEU A 263 6.15 -28.51 -13.98
C LEU A 263 4.91 -27.90 -14.58
N THR A 264 5.06 -27.03 -15.57
CA THR A 264 3.93 -26.50 -16.30
C THR A 264 2.97 -27.63 -16.63
N LEU A 265 1.66 -27.39 -16.50
CA LEU A 265 0.68 -28.44 -16.74
C LEU A 265 0.07 -28.30 -18.10
N MET A 266 0.29 -29.31 -18.94
CA MET A 266 -0.08 -29.27 -20.33
C MET A 266 -1.34 -30.09 -20.52
N ASN A 267 -2.48 -29.41 -20.53
CA ASN A 267 -3.77 -30.08 -20.46
C ASN A 267 -4.16 -30.76 -21.75
N GLY A 268 -3.59 -30.28 -22.86
CA GLY A 268 -3.83 -30.87 -24.17
C GLY A 268 -3.11 -32.18 -24.44
N GLY A 269 -2.38 -32.69 -23.45
CA GLY A 269 -1.75 -34.01 -23.56
C GLY A 269 -0.59 -34.07 -24.54
N ASP A 270 -0.03 -35.26 -24.71
CA ASP A 270 1.21 -35.45 -25.49
C ASP A 270 0.92 -35.78 -26.94
N LEU A 271 1.87 -35.47 -27.83
CA LEU A 271 1.67 -35.69 -29.26
C LEU A 271 1.58 -37.16 -29.64
N LYS A 272 2.11 -38.05 -28.81
CA LYS A 272 1.96 -39.50 -29.05
C LYS A 272 0.49 -39.87 -29.05
N PHE A 273 -0.24 -39.37 -28.05
CA PHE A 273 -1.66 -39.61 -27.95
C PHE A 273 -2.38 -39.05 -29.17
N HIS A 274 -2.07 -37.81 -29.54
CA HIS A 274 -2.79 -37.14 -30.63
C HIS A 274 -2.52 -37.74 -32.00
N ILE A 275 -1.40 -38.43 -32.16
CA ILE A 275 -1.06 -39.05 -33.43
C ILE A 275 -1.79 -40.38 -33.63
N TYR A 276 -1.88 -41.18 -32.57
CA TYR A 276 -2.41 -42.54 -32.66
C TYR A 276 -3.85 -42.65 -32.18
N HIS A 277 -4.09 -42.37 -30.90
CA HIS A 277 -5.40 -42.58 -30.28
C HIS A 277 -6.33 -41.37 -30.43
N MET A 278 -6.48 -40.87 -31.66
CA MET A 278 -7.25 -39.67 -31.91
C MET A 278 -7.81 -39.72 -33.33
N GLY A 279 -8.62 -40.74 -33.59
CA GLY A 279 -9.17 -40.96 -34.92
C GLY A 279 -8.11 -41.51 -35.85
N GLN A 280 -8.23 -41.18 -37.15
CA GLN A 280 -7.28 -41.68 -38.15
C GLN A 280 -5.89 -41.13 -37.86
N ALA A 281 -4.89 -42.00 -37.97
CA ALA A 281 -3.52 -41.66 -37.60
C ALA A 281 -2.97 -40.45 -38.38
N GLY A 282 -2.18 -39.63 -37.69
CA GLY A 282 -1.49 -38.49 -38.31
C GLY A 282 -2.27 -37.19 -38.25
N PHE A 283 -1.70 -36.13 -38.81
CA PHE A 283 -2.34 -34.82 -38.90
C PHE A 283 -2.29 -34.31 -40.33
N PRO A 284 -3.21 -33.40 -40.68
CA PRO A 284 -3.05 -32.67 -41.95
C PRO A 284 -1.73 -31.91 -42.03
N GLU A 285 -1.30 -31.58 -43.24
CA GLU A 285 0.00 -30.95 -43.44
C GLU A 285 0.15 -29.66 -42.63
N ALA A 286 -0.76 -28.71 -42.88
CA ALA A 286 -0.74 -27.44 -42.17
C ALA A 286 -0.44 -27.63 -40.69
N ARG A 287 -1.13 -28.58 -40.06
CA ARG A 287 -0.97 -28.82 -38.61
C ARG A 287 0.41 -29.36 -38.28
N ALA A 288 0.76 -30.49 -38.89
CA ALA A 288 2.07 -31.10 -38.68
C ALA A 288 3.18 -30.06 -38.80
N VAL A 289 3.08 -29.21 -39.80
CA VAL A 289 4.07 -28.17 -40.03
C VAL A 289 4.16 -27.25 -38.82
N PHE A 290 3.01 -26.72 -38.41
CA PHE A 290 2.96 -25.78 -37.29
C PHE A 290 3.79 -26.29 -36.12
N TYR A 291 3.50 -27.50 -35.67
CA TYR A 291 4.21 -28.06 -34.52
C TYR A 291 5.69 -28.17 -34.80
N ALA A 292 6.05 -28.69 -35.95
CA ALA A 292 7.44 -28.76 -36.34
C ALA A 292 8.10 -27.39 -36.21
N ALA A 293 7.37 -26.34 -36.57
CA ALA A 293 7.87 -24.98 -36.40
C ALA A 293 7.99 -24.57 -34.93
N GLU A 294 7.06 -25.00 -34.08
CA GLU A 294 7.21 -24.69 -32.68
C GLU A 294 8.38 -25.50 -32.15
N ILE A 295 8.33 -26.81 -32.32
CA ILE A 295 9.39 -27.68 -31.82
C ILE A 295 10.75 -27.16 -32.29
N CYS A 296 10.78 -26.57 -33.47
CA CYS A 296 12.00 -25.98 -33.95
C CYS A 296 12.44 -24.84 -33.03
N CYS A 297 11.55 -23.88 -32.79
CA CYS A 297 11.85 -22.75 -31.90
C CYS A 297 12.32 -23.21 -30.52
N GLY A 298 11.69 -24.26 -30.03
CA GLY A 298 12.11 -24.87 -28.79
C GLY A 298 13.56 -25.29 -28.85
N LEU A 299 13.91 -26.02 -29.90
CA LEU A 299 15.28 -26.48 -30.05
C LEU A 299 16.21 -25.30 -30.19
N GLU A 300 15.79 -24.31 -30.95
CA GLU A 300 16.60 -23.12 -31.05
C GLU A 300 16.88 -22.63 -29.64
N ASP A 301 15.82 -22.47 -28.84
CA ASP A 301 15.96 -21.95 -27.48
C ASP A 301 16.99 -22.73 -26.66
N LEU A 302 16.87 -24.05 -26.65
CA LEU A 302 17.82 -24.89 -25.91
C LEU A 302 19.24 -24.75 -26.46
N HIS A 303 19.39 -24.95 -27.76
CA HIS A 303 20.71 -24.90 -28.39
C HIS A 303 21.41 -23.58 -28.05
N ARG A 304 20.68 -22.48 -28.19
CA ARG A 304 21.19 -21.14 -27.88
C ARG A 304 21.76 -21.05 -26.47
N GLU A 305 21.23 -21.87 -25.57
CA GLU A 305 21.80 -22.06 -24.23
C GLU A 305 22.73 -23.29 -24.18
N ARG A 306 23.35 -23.61 -25.29
CA ARG A 306 24.29 -24.73 -25.36
C ARG A 306 23.73 -26.01 -24.71
N ILE A 307 22.48 -26.32 -24.96
CA ILE A 307 21.91 -27.57 -24.48
C ILE A 307 21.42 -28.41 -25.64
N VAL A 308 21.94 -29.64 -25.74
CA VAL A 308 21.42 -30.63 -26.67
C VAL A 308 20.42 -31.51 -25.93
N TYR A 309 19.30 -31.79 -26.59
CA TYR A 309 18.13 -32.41 -25.96
C TYR A 309 18.24 -33.93 -25.93
N ARG A 310 18.50 -34.51 -27.09
CA ARG A 310 18.76 -35.95 -27.25
C ARG A 310 17.59 -36.87 -26.87
N ASP A 311 16.36 -36.39 -26.94
CA ASP A 311 15.22 -37.28 -26.68
C ASP A 311 13.88 -36.78 -27.25
N LEU A 312 13.95 -35.99 -28.32
CA LEU A 312 12.76 -35.55 -29.00
C LEU A 312 12.01 -36.81 -29.43
N LYS A 313 10.68 -36.77 -29.30
CA LYS A 313 9.81 -37.89 -29.65
C LYS A 313 8.40 -37.53 -29.20
N PRO A 314 7.38 -38.16 -29.80
CA PRO A 314 6.00 -37.78 -29.45
C PRO A 314 5.72 -37.77 -27.96
N GLU A 315 6.16 -38.81 -27.25
CA GLU A 315 5.95 -38.91 -25.79
C GLU A 315 6.27 -37.59 -25.08
N ASN A 316 7.37 -36.96 -25.50
CA ASN A 316 7.93 -35.84 -24.77
C ASN A 316 7.65 -34.49 -25.41
N ILE A 317 6.70 -34.41 -26.34
CA ILE A 317 6.17 -33.11 -26.78
C ILE A 317 4.75 -33.03 -26.26
N LEU A 318 4.36 -31.90 -25.70
CA LEU A 318 3.08 -31.77 -25.02
C LEU A 318 2.33 -30.55 -25.49
N LEU A 319 1.01 -30.59 -25.36
CA LEU A 319 0.15 -29.48 -25.80
C LEU A 319 -0.52 -28.73 -24.64
N ASP A 320 -0.56 -27.41 -24.73
CA ASP A 320 -1.12 -26.60 -23.66
C ASP A 320 -2.60 -26.26 -23.90
N ASP A 321 -3.20 -25.53 -22.97
CA ASP A 321 -4.62 -25.16 -23.03
C ASP A 321 -5.05 -24.54 -24.36
N HIS A 322 -4.15 -23.81 -25.01
CA HIS A 322 -4.49 -23.14 -26.27
C HIS A 322 -3.96 -23.87 -27.50
N GLY A 323 -3.45 -25.09 -27.32
CA GLY A 323 -2.93 -25.88 -28.44
C GLY A 323 -1.52 -25.57 -28.91
N HIS A 324 -0.73 -24.87 -28.09
CA HIS A 324 0.70 -24.71 -28.34
C HIS A 324 1.50 -25.79 -27.64
N ILE A 325 2.75 -25.97 -28.06
CA ILE A 325 3.56 -27.07 -27.54
C ILE A 325 4.76 -26.65 -26.69
N ARG A 326 5.25 -27.60 -25.90
CA ARG A 326 6.45 -27.42 -25.10
C ARG A 326 7.17 -28.74 -24.93
N ILE A 327 8.49 -28.70 -25.01
CA ILE A 327 9.34 -29.89 -24.89
C ILE A 327 9.39 -30.29 -23.43
N SER A 328 9.74 -31.54 -23.16
CA SER A 328 9.69 -32.06 -21.80
C SER A 328 10.53 -33.32 -21.65
N ASP A 329 10.61 -33.86 -20.43
CA ASP A 329 11.51 -34.97 -20.12
C ASP A 329 12.92 -34.65 -20.58
N LEU A 330 13.67 -33.92 -19.76
CA LEU A 330 15.02 -33.56 -20.16
C LEU A 330 16.07 -34.35 -19.41
N GLY A 331 15.70 -35.54 -18.95
CA GLY A 331 16.67 -36.42 -18.31
C GLY A 331 17.92 -36.62 -19.16
N LEU A 332 17.72 -36.87 -20.45
CA LEU A 332 18.84 -37.17 -21.34
C LEU A 332 19.58 -35.94 -21.86
N ALA A 333 19.01 -34.75 -21.69
CA ALA A 333 19.66 -33.51 -22.13
C ALA A 333 21.03 -33.30 -21.47
N VAL A 334 21.85 -32.44 -22.08
CA VAL A 334 23.19 -32.14 -21.55
C VAL A 334 23.81 -30.91 -22.21
N HIS A 335 24.70 -30.26 -21.46
CA HIS A 335 25.35 -29.02 -21.87
C HIS A 335 26.50 -29.31 -22.81
N VAL A 336 26.70 -28.44 -23.79
CA VAL A 336 27.80 -28.60 -24.75
C VAL A 336 28.72 -27.39 -24.70
N PRO A 337 29.83 -27.50 -23.96
CA PRO A 337 30.78 -26.40 -23.84
C PRO A 337 31.21 -25.86 -25.19
N GLU A 338 31.47 -24.57 -25.27
CA GLU A 338 31.84 -23.95 -26.52
C GLU A 338 33.16 -24.53 -27.03
N GLY A 339 33.24 -24.76 -28.34
CA GLY A 339 34.46 -25.25 -28.97
C GLY A 339 34.76 -26.72 -28.73
N GLN A 340 33.79 -27.44 -28.19
CA GLN A 340 33.97 -28.84 -27.83
C GLN A 340 32.89 -29.70 -28.43
N THR A 341 33.03 -31.01 -28.23
CA THR A 341 32.06 -31.99 -28.70
C THR A 341 31.89 -33.04 -27.61
N ILE A 342 30.80 -33.79 -27.69
CA ILE A 342 30.51 -34.82 -26.70
C ILE A 342 30.13 -36.13 -27.36
N LYS A 343 30.49 -37.24 -26.73
CA LYS A 343 30.05 -38.55 -27.19
C LYS A 343 29.15 -39.16 -26.12
N GLY A 344 28.12 -39.86 -26.57
CA GLY A 344 27.17 -40.47 -25.66
C GLY A 344 26.11 -41.20 -26.46
N ARG A 345 26.12 -42.53 -26.37
CA ARG A 345 25.15 -43.35 -27.04
C ARG A 345 23.88 -43.39 -26.19
N VAL A 346 23.03 -42.38 -26.34
CA VAL A 346 21.84 -42.24 -25.50
C VAL A 346 20.65 -41.67 -26.25
N GLY A 347 19.46 -42.10 -25.87
CA GLY A 347 18.24 -41.65 -26.51
C GLY A 347 17.18 -42.74 -26.52
N THR A 348 16.28 -42.64 -27.49
CA THR A 348 15.27 -43.65 -27.71
C THR A 348 15.53 -44.37 -29.04
N VAL A 349 15.39 -45.68 -29.02
CA VAL A 349 15.59 -46.51 -30.22
C VAL A 349 14.51 -46.17 -31.24
N GLY A 350 14.93 -45.55 -32.34
CA GLY A 350 14.02 -45.12 -33.38
C GLY A 350 14.28 -43.68 -33.74
N TYR A 351 14.71 -42.90 -32.75
CA TYR A 351 14.90 -41.46 -32.93
C TYR A 351 16.35 -41.01 -32.77
N MET A 352 17.24 -41.89 -32.34
CA MET A 352 18.67 -41.58 -32.33
C MET A 352 19.16 -41.55 -33.76
N ALA A 353 19.94 -40.54 -34.10
CA ALA A 353 20.48 -40.41 -35.44
C ALA A 353 21.67 -41.33 -35.59
N PRO A 354 22.18 -41.50 -36.83
CA PRO A 354 23.30 -42.38 -37.12
C PRO A 354 24.51 -42.17 -36.23
N GLU A 355 25.03 -40.95 -36.17
CA GLU A 355 26.28 -40.68 -35.46
C GLU A 355 26.19 -41.00 -33.97
N VAL A 356 24.98 -40.94 -33.42
CA VAL A 356 24.75 -41.33 -32.05
C VAL A 356 24.85 -42.84 -31.96
N VAL A 357 24.13 -43.53 -32.83
CA VAL A 357 24.16 -45.00 -32.88
C VAL A 357 25.57 -45.55 -33.10
N LYS A 358 26.32 -44.91 -33.99
CA LYS A 358 27.70 -45.29 -34.24
C LYS A 358 28.64 -44.99 -33.07
N ASN A 359 28.17 -44.26 -32.07
CA ASN A 359 29.02 -43.89 -30.92
C ASN A 359 30.12 -42.93 -31.37
N GLU A 360 29.73 -41.90 -32.11
CA GLU A 360 30.65 -40.85 -32.55
C GLU A 360 30.45 -39.58 -31.74
N ARG A 361 31.37 -38.63 -31.89
CA ARG A 361 31.27 -37.34 -31.20
C ARG A 361 30.31 -36.41 -31.92
N TYR A 362 29.69 -35.49 -31.20
CA TYR A 362 28.76 -34.54 -31.82
C TYR A 362 28.50 -33.28 -30.98
N THR A 363 27.77 -32.34 -31.57
CA THR A 363 27.21 -31.22 -30.84
C THR A 363 25.69 -31.32 -30.91
N PHE A 364 25.04 -30.60 -31.81
CA PHE A 364 23.59 -30.51 -31.80
C PHE A 364 22.87 -31.30 -32.88
N SER A 365 23.65 -31.94 -33.74
CA SER A 365 23.13 -32.67 -34.89
C SER A 365 21.94 -33.57 -34.55
N PRO A 366 22.06 -34.36 -33.48
CA PRO A 366 21.03 -35.35 -33.19
C PRO A 366 19.62 -34.83 -33.07
N ASP A 367 19.45 -33.59 -32.60
CA ASP A 367 18.12 -33.04 -32.38
C ASP A 367 17.44 -32.78 -33.70
N TRP A 368 18.16 -32.14 -34.61
CA TRP A 368 17.61 -31.86 -35.93
C TRP A 368 17.22 -33.13 -36.67
N TRP A 369 17.99 -34.19 -36.47
CA TRP A 369 17.56 -35.50 -36.92
C TRP A 369 16.16 -35.81 -36.38
N ALA A 370 16.02 -35.83 -35.06
CA ALA A 370 14.76 -36.19 -34.44
C ALA A 370 13.60 -35.30 -34.86
N LEU A 371 13.86 -34.03 -35.14
CA LEU A 371 12.81 -33.16 -35.67
C LEU A 371 12.29 -33.76 -36.97
N GLY A 372 13.23 -34.17 -37.81
CA GLY A 372 12.90 -34.89 -39.03
C GLY A 372 12.02 -36.09 -38.76
N CYS A 373 12.51 -37.02 -37.97
CA CYS A 373 11.75 -38.21 -37.63
C CYS A 373 10.34 -37.82 -37.25
N LEU A 374 10.23 -36.86 -36.35
CA LEU A 374 8.94 -36.46 -35.82
C LEU A 374 8.07 -35.86 -36.91
N LEU A 375 8.64 -34.96 -37.71
CA LEU A 375 7.87 -34.32 -38.77
C LEU A 375 7.41 -35.36 -39.77
N TYR A 376 8.25 -36.37 -40.01
CA TYR A 376 7.86 -37.54 -40.77
C TYR A 376 6.65 -38.15 -40.06
N GLU A 377 6.88 -38.67 -38.86
CA GLU A 377 5.86 -39.42 -38.14
C GLU A 377 4.50 -38.74 -38.08
N MET A 378 4.48 -37.40 -38.08
CA MET A 378 3.23 -36.65 -37.96
C MET A 378 2.41 -36.70 -39.25
N ILE A 379 3.07 -36.59 -40.39
CA ILE A 379 2.38 -36.69 -41.67
C ILE A 379 2.12 -38.15 -42.02
N ALA A 380 3.20 -38.94 -42.09
CA ALA A 380 3.14 -40.35 -42.41
C ALA A 380 2.12 -41.12 -41.58
N GLY A 381 2.06 -40.82 -40.29
CA GLY A 381 1.21 -41.55 -39.36
C GLY A 381 1.87 -42.83 -38.88
N GLN A 382 3.18 -42.90 -39.01
CA GLN A 382 3.95 -44.05 -38.57
C GLN A 382 5.41 -43.67 -38.42
N SER A 383 6.07 -44.25 -37.43
CA SER A 383 7.50 -44.12 -37.27
C SER A 383 8.19 -44.57 -38.56
N PRO A 384 9.20 -43.80 -39.03
CA PRO A 384 9.91 -44.16 -40.26
C PRO A 384 10.82 -45.38 -40.16
N PHE A 385 11.04 -45.89 -38.96
CA PHE A 385 11.85 -47.09 -38.76
C PHE A 385 11.25 -48.07 -37.73
N GLN A 386 9.95 -48.04 -37.56
CA GLN A 386 9.28 -48.89 -36.57
C GLN A 386 7.81 -49.11 -36.92
N LYS A 390 3.76 -53.11 -35.50
CA LYS A 390 4.36 -54.44 -35.42
C LYS A 390 5.74 -54.37 -34.77
N LYS A 391 6.02 -55.33 -33.89
CA LYS A 391 7.22 -55.30 -33.06
C LYS A 391 8.46 -55.76 -33.84
N ILE A 392 9.51 -54.95 -33.76
CA ILE A 392 10.81 -55.25 -34.36
C ILE A 392 11.85 -55.23 -33.26
N LYS A 393 13.05 -55.76 -33.52
CA LYS A 393 14.12 -55.76 -32.52
C LYS A 393 15.14 -54.65 -32.77
N ARG A 394 15.98 -54.41 -31.76
CA ARG A 394 16.89 -53.26 -31.71
C ARG A 394 17.82 -53.19 -32.93
N GLU A 395 18.59 -54.25 -33.12
CA GLU A 395 19.65 -54.26 -34.13
C GLU A 395 19.12 -54.02 -35.55
N GLU A 396 17.94 -54.55 -35.84
CA GLU A 396 17.33 -54.42 -37.16
C GLU A 396 17.04 -52.95 -37.50
N VAL A 397 16.49 -52.23 -36.53
CA VAL A 397 16.10 -50.85 -36.76
C VAL A 397 17.32 -49.98 -36.96
N GLU A 398 18.33 -50.16 -36.11
CA GLU A 398 19.58 -49.39 -36.20
C GLU A 398 20.20 -49.53 -37.59
N ARG A 399 20.21 -50.76 -38.11
CA ARG A 399 20.65 -51.00 -39.48
C ARG A 399 19.80 -50.17 -40.42
N LEU A 400 18.47 -50.29 -40.25
CA LEU A 400 17.52 -49.57 -41.10
C LEU A 400 17.86 -48.08 -41.14
N VAL A 401 18.28 -47.54 -40.00
CA VAL A 401 18.62 -46.13 -39.90
C VAL A 401 19.95 -45.82 -40.58
N LYS A 402 21.00 -46.58 -40.20
CA LYS A 402 22.36 -46.30 -40.67
C LYS A 402 22.53 -46.30 -42.19
N GLU A 403 21.75 -47.12 -42.89
CA GLU A 403 22.00 -47.39 -44.31
C GLU A 403 20.82 -47.09 -45.24
N VAL A 404 19.65 -47.63 -44.92
CA VAL A 404 18.49 -47.49 -45.81
C VAL A 404 17.93 -46.08 -45.76
N PRO A 405 17.65 -45.49 -46.94
CA PRO A 405 17.00 -44.19 -46.97
C PRO A 405 15.51 -44.34 -46.68
N GLU A 406 14.88 -43.24 -46.27
CA GLU A 406 13.48 -43.24 -45.86
C GLU A 406 12.52 -43.58 -47.00
N GLU A 407 11.34 -44.08 -46.65
CA GLU A 407 10.35 -44.54 -47.62
C GLU A 407 9.07 -43.74 -47.47
N TYR A 408 8.69 -43.00 -48.51
CA TYR A 408 7.56 -42.07 -48.44
C TYR A 408 6.25 -42.66 -48.95
N SER A 409 5.14 -42.20 -48.36
CA SER A 409 3.82 -42.43 -48.89
C SER A 409 3.45 -41.21 -49.73
N GLU A 410 2.18 -41.08 -50.10
CA GLU A 410 1.75 -39.95 -50.93
C GLU A 410 0.95 -38.90 -50.19
N ARG A 411 1.03 -38.90 -48.86
CA ARG A 411 0.45 -37.82 -48.05
C ARG A 411 1.34 -36.59 -48.11
N PHE A 412 2.63 -36.80 -48.40
CA PHE A 412 3.62 -35.73 -48.39
C PHE A 412 3.49 -34.85 -49.62
N SER A 413 3.56 -33.54 -49.41
CA SER A 413 3.58 -32.58 -50.51
C SER A 413 4.99 -32.52 -51.08
N PRO A 414 5.20 -31.73 -52.15
CA PRO A 414 6.54 -31.65 -52.72
C PRO A 414 7.59 -31.17 -51.72
N GLN A 415 7.37 -29.99 -51.15
CA GLN A 415 8.32 -29.39 -50.21
C GLN A 415 8.37 -30.16 -48.90
N ALA A 416 7.23 -30.72 -48.50
CA ALA A 416 7.15 -31.53 -47.28
C ALA A 416 8.15 -32.67 -47.30
N ARG A 417 8.42 -33.21 -48.48
CA ARG A 417 9.39 -34.27 -48.64
C ARG A 417 10.81 -33.77 -48.40
N SER A 418 11.15 -32.66 -49.05
CA SER A 418 12.52 -32.15 -49.05
C SER A 418 13.03 -31.84 -47.66
N LEU A 419 12.16 -31.27 -46.82
CA LEU A 419 12.53 -30.92 -45.46
C LEU A 419 12.88 -32.16 -44.67
N CYS A 420 11.93 -33.09 -44.57
CA CYS A 420 12.16 -34.34 -43.84
C CYS A 420 13.40 -35.05 -44.34
N SER A 421 13.59 -35.02 -45.65
CA SER A 421 14.75 -35.61 -46.29
C SER A 421 16.02 -34.94 -45.80
N GLN A 422 16.07 -33.61 -45.91
CA GLN A 422 17.25 -32.85 -45.50
C GLN A 422 17.54 -32.98 -44.01
N LEU A 423 16.50 -33.13 -43.20
CA LEU A 423 16.67 -33.37 -41.76
C LEU A 423 17.13 -34.79 -41.49
N LEU A 424 16.67 -35.73 -42.31
CA LEU A 424 17.06 -37.12 -42.18
C LEU A 424 18.25 -37.48 -43.09
N CYS A 425 18.98 -36.48 -43.55
CA CYS A 425 20.25 -36.71 -44.23
C CYS A 425 21.21 -37.34 -43.25
N LYS A 426 21.73 -38.51 -43.59
CA LYS A 426 22.49 -39.32 -42.64
C LYS A 426 23.87 -38.74 -42.34
N ASP A 427 24.37 -37.91 -43.25
CA ASP A 427 25.64 -37.22 -43.06
C ASP A 427 25.37 -36.01 -42.16
N PRO A 428 25.90 -36.03 -40.93
CA PRO A 428 25.57 -34.94 -40.02
C PRO A 428 26.13 -33.60 -40.45
N ALA A 429 27.27 -33.59 -41.14
CA ALA A 429 27.88 -32.34 -41.57
C ALA A 429 27.09 -31.69 -42.70
N GLU A 430 26.26 -32.47 -43.37
CA GLU A 430 25.45 -32.00 -44.50
C GLU A 430 23.97 -31.92 -44.14
N ARG A 431 23.65 -32.22 -42.88
CA ARG A 431 22.26 -32.25 -42.40
C ARG A 431 21.75 -30.84 -42.20
N LEU A 432 20.46 -30.63 -42.40
CA LEU A 432 19.88 -29.31 -42.25
C LEU A 432 19.95 -28.90 -40.79
N GLY A 433 20.45 -27.69 -40.54
CA GLY A 433 20.67 -27.18 -39.20
C GLY A 433 22.13 -27.23 -38.78
N CYS A 434 22.86 -28.20 -39.32
CA CYS A 434 24.22 -28.46 -38.88
C CYS A 434 25.28 -27.97 -39.83
N ARG A 435 24.85 -27.35 -40.93
CA ARG A 435 25.78 -26.86 -41.96
C ARG A 435 26.46 -25.56 -41.56
N GLY A 436 25.89 -24.86 -40.59
CA GLY A 436 26.41 -23.58 -40.12
C GLY A 436 25.42 -22.46 -40.18
N GLY A 437 24.14 -22.79 -40.21
CA GLY A 437 23.08 -21.80 -40.09
C GLY A 437 22.25 -21.96 -38.82
N SER A 438 22.47 -23.06 -38.10
CA SER A 438 21.68 -23.40 -36.93
C SER A 438 20.20 -23.38 -37.32
N ALA A 439 19.33 -22.99 -36.41
CA ALA A 439 17.90 -22.99 -36.69
C ALA A 439 17.54 -22.14 -37.90
N ARG A 440 18.27 -21.06 -38.15
CA ARG A 440 17.94 -20.13 -39.21
C ARG A 440 17.69 -20.85 -40.54
N GLU A 441 18.56 -21.79 -40.89
CA GLU A 441 18.45 -22.47 -42.19
C GLU A 441 17.29 -23.45 -42.22
N VAL A 442 16.88 -23.95 -41.07
CA VAL A 442 15.70 -24.79 -40.98
C VAL A 442 14.44 -23.93 -41.07
N LYS A 443 14.46 -22.79 -40.40
CA LYS A 443 13.37 -21.83 -40.49
C LYS A 443 13.17 -21.39 -41.93
N GLU A 444 14.27 -21.21 -42.65
CA GLU A 444 14.23 -20.66 -44.01
C GLU A 444 13.82 -21.65 -45.10
N HIS A 445 13.55 -22.90 -44.74
CA HIS A 445 13.02 -23.87 -45.68
C HIS A 445 11.65 -23.39 -46.18
N PRO A 446 11.37 -23.56 -47.49
CA PRO A 446 10.15 -22.99 -48.04
C PRO A 446 8.84 -23.61 -47.54
N LEU A 447 8.93 -24.77 -46.88
CA LEU A 447 7.76 -25.39 -46.30
C LEU A 447 7.08 -24.48 -45.27
N PHE A 448 7.85 -23.57 -44.68
CA PHE A 448 7.33 -22.59 -43.72
C PHE A 448 7.04 -21.24 -44.40
N LYS A 449 6.60 -21.28 -45.67
CA LYS A 449 6.18 -20.07 -46.40
C LYS A 449 5.37 -19.14 -45.52
N LYS A 450 4.31 -19.70 -44.95
CA LYS A 450 3.18 -18.94 -44.42
C LYS A 450 3.37 -18.41 -43.00
N LEU A 451 4.34 -18.97 -42.26
CA LEU A 451 4.50 -18.65 -40.86
C LEU A 451 5.56 -17.59 -40.64
N ASN A 452 5.15 -16.46 -40.08
CA ASN A 452 6.08 -15.45 -39.61
C ASN A 452 6.69 -15.96 -38.31
N PHE A 453 7.96 -16.34 -38.35
CA PHE A 453 8.62 -16.94 -37.18
C PHE A 453 8.80 -15.96 -36.04
N LYS A 454 9.09 -14.71 -36.36
CA LYS A 454 9.22 -13.69 -35.33
C LYS A 454 8.01 -13.74 -34.41
N ARG A 455 6.82 -13.78 -35.01
CA ARG A 455 5.57 -13.81 -34.27
C ARG A 455 5.35 -15.12 -33.52
N LEU A 456 5.55 -16.24 -34.20
CA LEU A 456 5.32 -17.55 -33.58
C LEU A 456 6.07 -17.67 -32.27
N GLY A 457 7.29 -17.14 -32.23
CA GLY A 457 8.15 -17.18 -31.04
C GLY A 457 7.64 -16.29 -29.93
N ALA A 458 6.88 -15.27 -30.29
CA ALA A 458 6.20 -14.42 -29.33
C ALA A 458 4.81 -14.97 -28.99
N GLY A 459 4.48 -16.16 -29.49
CA GLY A 459 3.20 -16.80 -29.22
C GLY A 459 2.02 -16.03 -29.77
N MET A 460 2.22 -15.28 -30.85
CA MET A 460 1.20 -14.43 -31.43
C MET A 460 0.43 -15.10 -32.57
N LEU A 461 0.86 -16.29 -32.97
CA LEU A 461 0.20 -17.00 -34.05
C LEU A 461 -0.72 -18.04 -33.48
N GLU A 462 -1.92 -18.11 -34.05
CA GLU A 462 -2.93 -19.02 -33.58
C GLU A 462 -2.72 -20.39 -34.23
N PRO A 463 -2.76 -21.45 -33.43
CA PRO A 463 -2.57 -22.79 -33.97
C PRO A 463 -3.82 -23.24 -34.73
N PRO A 464 -3.73 -24.37 -35.45
CA PRO A 464 -4.85 -24.85 -36.23
C PRO A 464 -5.72 -25.85 -35.46
N PHE A 465 -5.49 -26.01 -34.17
CA PHE A 465 -6.31 -26.92 -33.36
C PHE A 465 -6.31 -26.53 -31.88
N LYS A 466 -7.43 -26.02 -31.39
CA LYS A 466 -7.60 -25.73 -29.96
C LYS A 466 -8.23 -26.94 -29.28
N PRO A 467 -7.56 -27.50 -28.26
CA PRO A 467 -8.15 -28.65 -27.54
C PRO A 467 -9.48 -28.33 -26.90
N ASP A 468 -10.28 -29.38 -26.68
CA ASP A 468 -11.52 -29.25 -25.93
C ASP A 468 -11.17 -29.22 -24.45
N PRO A 469 -11.42 -28.09 -23.78
CA PRO A 469 -11.03 -27.98 -22.38
C PRO A 469 -11.65 -29.05 -21.48
N GLN A 470 -12.85 -29.52 -21.82
CA GLN A 470 -13.53 -30.54 -21.05
C GLN A 470 -12.99 -31.95 -21.30
N ALA A 471 -12.07 -32.09 -22.25
CA ALA A 471 -11.48 -33.39 -22.57
C ALA A 471 -10.23 -33.64 -21.74
N ILE A 472 -10.03 -34.90 -21.35
CA ILE A 472 -8.79 -35.34 -20.72
C ILE A 472 -8.05 -36.23 -21.68
N TYR A 473 -6.99 -35.70 -22.29
CA TYR A 473 -6.30 -36.37 -23.39
C TYR A 473 -5.23 -37.34 -22.91
N CYS A 474 -5.65 -38.35 -22.16
CA CYS A 474 -4.80 -39.51 -21.89
C CYS A 474 -5.64 -40.66 -21.35
N LYS A 475 -4.97 -41.79 -21.06
CA LYS A 475 -5.66 -43.01 -20.64
C LYS A 475 -6.37 -42.84 -19.31
N ASP A 476 -7.25 -43.77 -18.97
CA ASP A 476 -7.88 -43.79 -17.65
C ASP A 476 -6.96 -44.47 -16.65
N VAL A 477 -7.26 -44.28 -15.37
CA VAL A 477 -6.30 -44.55 -14.30
C VAL A 477 -5.83 -45.99 -14.22
N LEU A 478 -6.78 -46.93 -14.24
CA LEU A 478 -6.44 -48.35 -14.11
C LEU A 478 -5.82 -48.89 -15.39
N ASP A 479 -6.03 -48.20 -16.51
CA ASP A 479 -5.43 -48.57 -17.79
C ASP A 479 -4.05 -47.93 -17.93
N ILE A 480 -3.20 -48.14 -16.92
CA ILE A 480 -1.85 -47.60 -16.93
C ILE A 480 -0.90 -48.58 -16.24
N GLU A 481 0.32 -48.66 -16.78
CA GLU A 481 1.33 -49.58 -16.29
C GLU A 481 1.69 -49.31 -14.84
N GLN A 482 2.37 -50.26 -14.21
CA GLN A 482 2.87 -50.09 -12.85
C GLN A 482 3.91 -51.15 -12.55
N PHE A 483 5.18 -50.80 -12.78
CA PHE A 483 6.29 -51.76 -12.67
C PHE A 483 6.45 -52.29 -11.24
N SER A 484 7.05 -53.46 -11.12
CA SER A 484 7.26 -54.12 -9.83
C SER A 484 8.05 -53.24 -8.88
N THR A 485 7.39 -52.78 -7.82
CA THR A 485 8.04 -51.97 -6.80
C THR A 485 9.04 -52.82 -6.03
N VAL A 486 10.25 -52.93 -6.58
CA VAL A 486 11.24 -53.90 -6.12
C VAL A 486 11.86 -53.51 -4.78
N LYS A 487 11.95 -54.50 -3.88
CA LYS A 487 12.59 -54.34 -2.58
C LYS A 487 14.07 -54.73 -2.73
N GLY A 488 14.81 -54.73 -1.62
CA GLY A 488 16.19 -55.17 -1.61
C GLY A 488 17.13 -54.02 -1.88
N VAL A 489 16.92 -52.92 -1.16
CA VAL A 489 17.71 -51.71 -1.35
C VAL A 489 17.42 -50.72 -0.22
N GLU A 490 18.41 -50.48 0.63
CA GLU A 490 18.29 -49.54 1.73
C GLU A 490 18.83 -48.17 1.33
N LEU A 491 18.18 -47.12 1.82
CA LEU A 491 18.63 -45.76 1.58
C LEU A 491 19.68 -45.41 2.62
N GLU A 492 20.77 -44.77 2.18
CA GLU A 492 21.93 -44.56 3.02
C GLU A 492 22.41 -43.11 3.02
N PRO A 493 23.17 -42.71 4.05
CA PRO A 493 23.72 -41.36 4.20
C PRO A 493 24.22 -40.70 2.91
N THR A 494 24.90 -41.45 2.06
CA THR A 494 25.41 -40.92 0.80
C THR A 494 24.31 -40.36 -0.10
N ASP A 495 23.12 -40.93 0.01
CA ASP A 495 21.97 -40.48 -0.78
C ASP A 495 21.38 -39.17 -0.24
N GLN A 496 21.41 -39.01 1.09
CA GLN A 496 20.85 -37.82 1.72
C GLN A 496 21.55 -36.55 1.24
N ASP A 497 22.87 -36.63 1.10
CA ASP A 497 23.67 -35.51 0.58
C ASP A 497 23.21 -35.10 -0.82
N PHE A 498 22.87 -36.08 -1.64
CA PHE A 498 22.37 -35.83 -2.98
C PHE A 498 20.97 -35.21 -2.95
N TYR A 499 20.10 -35.78 -2.13
CA TYR A 499 18.75 -35.25 -2.00
C TYR A 499 18.78 -33.79 -1.58
N GLN A 500 19.76 -33.44 -0.74
CA GLN A 500 19.96 -32.05 -0.36
C GLN A 500 20.29 -31.19 -1.59
N LYS A 501 21.18 -31.69 -2.44
CA LYS A 501 21.50 -31.04 -3.71
C LYS A 501 20.27 -30.84 -4.61
N PHE A 502 19.36 -31.81 -4.59
CA PHE A 502 18.20 -31.79 -5.48
C PHE A 502 17.07 -30.91 -4.98
N ALA A 503 16.67 -31.12 -3.73
CA ALA A 503 15.48 -30.46 -3.18
C ALA A 503 15.73 -28.99 -2.85
N THR A 504 15.78 -28.18 -3.90
CA THR A 504 16.05 -26.75 -3.84
C THR A 504 14.92 -25.91 -3.29
N GLY A 505 13.69 -26.25 -3.64
CA GLY A 505 12.55 -25.42 -3.34
C GLY A 505 12.13 -24.60 -4.54
N SER A 506 11.41 -23.51 -4.29
CA SER A 506 10.71 -22.80 -5.35
C SER A 506 11.63 -22.06 -6.32
N VAL A 507 11.40 -22.28 -7.60
CA VAL A 507 12.15 -21.61 -8.65
C VAL A 507 11.67 -20.16 -8.75
N PRO A 508 12.58 -19.21 -8.49
CA PRO A 508 12.21 -17.80 -8.46
C PRO A 508 11.31 -17.30 -9.61
N ILE A 509 11.78 -17.30 -10.85
CA ILE A 509 10.98 -16.60 -11.86
C ILE A 509 9.58 -17.20 -11.98
N PRO A 510 9.50 -18.52 -12.19
CA PRO A 510 8.19 -19.16 -12.20
C PRO A 510 7.36 -18.86 -10.95
N TRP A 511 7.95 -19.05 -9.76
CA TRP A 511 7.18 -18.87 -8.52
C TRP A 511 6.56 -17.49 -8.49
N GLN A 512 7.39 -16.48 -8.66
CA GLN A 512 6.91 -15.12 -8.69
C GLN A 512 5.77 -14.94 -9.68
N ASN A 513 5.96 -15.42 -10.92
CA ASN A 513 4.88 -15.40 -11.91
C ASN A 513 3.60 -16.00 -11.33
N GLU A 514 3.71 -17.15 -10.68
CA GLU A 514 2.55 -17.83 -10.13
C GLU A 514 1.72 -16.87 -9.28
N MET A 515 2.39 -16.18 -8.38
CA MET A 515 1.72 -15.26 -7.48
C MET A 515 1.00 -14.16 -8.24
N VAL A 516 1.60 -13.66 -9.33
CA VAL A 516 0.99 -12.59 -10.13
C VAL A 516 -0.18 -13.12 -10.96
N GLU A 517 -0.02 -14.32 -11.49
CA GLU A 517 -1.07 -14.95 -12.27
C GLU A 517 -2.29 -15.24 -11.40
N THR A 518 -2.08 -15.58 -10.13
CA THR A 518 -3.20 -15.97 -9.29
C THR A 518 -3.71 -14.78 -8.48
N GLU A 519 -3.40 -13.57 -8.96
CA GLU A 519 -3.79 -12.34 -8.26
C GLU A 519 -3.45 -12.33 -6.77
N CYS A 520 -2.64 -13.26 -6.31
CA CYS A 520 -2.18 -13.24 -4.93
C CYS A 520 -1.31 -12.02 -4.66
N PHE A 521 -0.45 -11.68 -5.61
CA PHE A 521 0.41 -10.52 -5.48
C PHE A 521 -0.42 -9.30 -5.27
N GLN A 522 -1.24 -8.94 -6.25
CA GLN A 522 -1.99 -7.69 -6.11
C GLN A 522 -2.79 -7.71 -4.84
N GLU A 523 -3.58 -8.77 -4.67
CA GLU A 523 -4.47 -8.88 -3.53
C GLU A 523 -3.72 -8.62 -2.21
N LEU A 524 -2.59 -9.29 -2.01
CA LEU A 524 -1.83 -9.18 -0.74
C LEU A 524 -0.82 -8.06 -0.70
N ASN A 525 -0.22 -7.74 -1.85
CA ASN A 525 0.89 -6.79 -1.86
C ASN A 525 0.48 -5.40 -1.43
N VAL A 526 -0.67 -4.97 -1.94
CA VAL A 526 -1.13 -3.59 -1.75
C VAL A 526 -1.34 -3.31 -0.27
N PHE A 527 -1.28 -2.05 0.10
CA PHE A 527 -1.31 -1.71 1.52
C PHE A 527 -1.58 -0.25 1.82
N GLY A 528 -2.65 -0.02 2.59
CA GLY A 528 -3.13 1.31 2.88
C GLY A 528 -4.62 1.50 2.64
N LEU A 529 -5.26 0.60 1.90
CA LEU A 529 -6.70 0.71 1.65
C LEU A 529 -7.46 0.10 2.81
N ASP A 530 -7.24 -1.19 3.07
CA ASP A 530 -7.95 -1.93 4.13
C ASP A 530 -7.86 -1.26 5.51
N GLY A 531 -9.01 -1.10 6.15
CA GLY A 531 -9.08 -0.59 7.52
C GLY A 531 -8.46 0.79 7.67
N SER A 532 -8.70 1.65 6.69
CA SER A 532 -8.09 2.98 6.65
C SER A 532 -9.08 4.13 6.81
N VAL A 533 -10.37 3.83 6.84
CA VAL A 533 -11.36 4.89 6.91
C VAL A 533 -11.19 5.59 8.25
N PRO A 534 -10.80 6.86 8.22
CA PRO A 534 -10.53 7.53 9.48
C PRO A 534 -11.76 7.42 10.40
N PRO A 535 -11.57 6.97 11.64
CA PRO A 535 -12.61 6.41 12.46
C PRO A 535 -13.52 7.48 13.05
N ASP A 536 -14.74 7.09 13.43
CA ASP A 536 -15.75 8.03 13.91
C ASP A 536 -15.38 8.68 15.24
N LEU A 537 -14.72 7.92 16.11
CA LEU A 537 -14.33 8.38 17.44
C LEU A 537 -12.85 8.15 17.72
N ASP A 538 -12.23 9.12 18.40
CA ASP A 538 -10.82 8.99 18.78
C ASP A 538 -10.66 7.87 19.83
N TRP A 539 -9.43 7.62 20.25
CA TRP A 539 -9.13 6.46 21.11
C TRP A 539 -9.95 6.49 22.39
N LYS A 540 -10.13 7.67 22.97
CA LYS A 540 -10.89 7.78 24.22
C LYS A 540 -12.40 7.83 23.97
N GLY A 541 -12.84 7.55 22.75
CA GLY A 541 -14.27 7.43 22.48
C GLY A 541 -14.98 8.74 22.26
N GLN A 542 -14.25 9.76 21.82
CA GLN A 542 -14.81 11.08 21.54
C GLN A 542 -14.64 11.39 20.06
N PRO A 543 -15.56 12.16 19.49
CA PRO A 543 -15.41 12.45 18.07
C PRO A 543 -14.29 13.46 17.81
N PRO A 544 -13.85 13.57 16.56
CA PRO A 544 -12.83 14.52 16.15
C PRO A 544 -13.37 15.94 15.99
N ALA A 545 -12.49 16.85 15.58
CA ALA A 545 -12.83 18.25 15.43
C ALA A 545 -12.83 18.62 13.95
N PRO A 546 -14.01 18.68 13.33
CA PRO A 546 -15.36 18.45 13.84
C PRO A 546 -15.79 17.01 13.65
N PRO A 547 -16.90 16.59 14.29
CA PRO A 547 -17.36 15.20 14.21
C PRO A 547 -17.88 14.81 12.83
N LYS A 548 -17.86 13.51 12.54
CA LYS A 548 -18.29 12.96 11.25
C LYS A 548 -19.81 13.05 11.12
N LYS A 549 -20.27 13.64 10.01
CA LYS A 549 -21.69 13.92 9.83
C LYS A 549 -22.52 12.65 9.74
N GLY A 550 -21.91 11.57 9.23
CA GLY A 550 -22.58 10.28 9.12
C GLY A 550 -22.89 9.63 10.45
N LEU A 551 -22.12 9.96 11.48
CA LEU A 551 -22.36 9.42 12.82
C LEU A 551 -23.54 10.12 13.47
N LEU A 552 -23.58 11.44 13.36
CA LEU A 552 -24.66 12.23 13.94
C LEU A 552 -26.00 11.71 13.45
N GLN A 553 -26.14 11.59 12.13
CA GLN A 553 -27.39 11.08 11.54
C GLN A 553 -27.71 9.67 12.02
N ARG A 554 -26.68 8.83 12.15
CA ARG A 554 -26.88 7.46 12.64
C ARG A 554 -27.24 7.44 14.14
N LEU A 555 -26.77 8.43 14.89
CA LEU A 555 -27.00 8.46 16.34
C LEU A 555 -28.37 9.01 16.76
N PHE A 556 -29.12 9.59 15.82
CA PHE A 556 -30.38 10.26 16.17
C PHE A 556 -31.55 9.92 15.23
N SER A 557 -31.48 10.39 13.98
CA SER A 557 -32.55 10.15 13.00
C SER A 557 -32.06 10.41 11.58
N GLU B 2 -8.46 52.65 -0.78
CA GLU B 2 -9.29 51.54 -0.29
C GLU B 2 -9.26 50.33 -1.21
N LEU B 3 -8.39 50.37 -2.22
CA LEU B 3 -8.16 49.21 -3.06
C LEU B 3 -7.59 48.11 -2.18
N GLU B 4 -6.56 48.47 -1.42
CA GLU B 4 -5.85 47.56 -0.52
C GLU B 4 -6.77 46.77 0.42
N ASN B 5 -7.86 47.40 0.86
CA ASN B 5 -8.84 46.74 1.72
C ASN B 5 -9.65 45.68 0.97
N ILE B 6 -10.21 46.06 -0.18
CA ILE B 6 -11.06 45.16 -0.95
C ILE B 6 -10.24 44.00 -1.51
N VAL B 7 -8.96 44.23 -1.77
CA VAL B 7 -8.04 43.19 -2.22
C VAL B 7 -7.88 42.13 -1.14
N ALA B 8 -7.25 42.51 -0.02
CA ALA B 8 -6.94 41.59 1.07
C ALA B 8 -8.15 40.79 1.53
N ASN B 9 -9.31 41.44 1.60
CA ASN B 9 -10.55 40.77 1.98
C ASN B 9 -10.95 39.70 0.98
N THR B 10 -10.89 40.03 -0.30
CA THR B 10 -11.28 39.08 -1.35
C THR B 10 -10.26 37.96 -1.49
N VAL B 11 -8.99 38.25 -1.20
CA VAL B 11 -7.94 37.23 -1.18
C VAL B 11 -8.32 36.13 -0.19
N LEU B 12 -8.41 36.51 1.08
CA LEU B 12 -8.73 35.58 2.16
C LEU B 12 -10.05 34.84 1.92
N LEU B 13 -11.06 35.56 1.43
CA LEU B 13 -12.36 34.95 1.14
C LEU B 13 -12.27 33.86 0.08
N LYS B 14 -11.30 33.98 -0.82
CA LYS B 14 -11.11 32.98 -1.86
C LYS B 14 -10.46 31.73 -1.29
N ALA B 15 -9.33 31.91 -0.61
CA ALA B 15 -8.60 30.80 0.01
C ALA B 15 -9.54 29.93 0.84
N ARG B 16 -10.39 30.56 1.64
CA ARG B 16 -11.38 29.85 2.45
C ARG B 16 -12.31 29.00 1.60
N GLU B 17 -12.77 29.57 0.48
CA GLU B 17 -13.75 28.93 -0.38
C GLU B 17 -13.17 27.71 -1.07
N GLY B 18 -12.05 27.92 -1.75
CA GLY B 18 -11.34 26.86 -2.46
C GLY B 18 -9.90 27.26 -2.71
N GLY B 19 -9.51 27.40 -3.97
CA GLY B 19 -8.15 27.82 -4.33
C GLY B 19 -7.80 27.56 -5.78
N GLY B 20 -7.28 26.37 -6.05
CA GLY B 20 -6.88 25.97 -7.40
C GLY B 20 -7.74 24.84 -7.96
N GLY B 21 -9.06 25.02 -7.89
CA GLY B 21 -10.02 24.07 -8.47
C GLY B 21 -9.97 22.69 -7.83
N ASN B 22 -9.37 21.74 -8.56
CA ASN B 22 -9.23 20.34 -8.11
C ASN B 22 -8.49 20.22 -6.78
N ARG B 23 -7.28 20.78 -6.74
CA ARG B 23 -6.49 20.84 -5.52
C ARG B 23 -7.08 21.93 -4.63
N LYS B 24 -7.18 21.65 -3.34
CA LYS B 24 -7.84 22.56 -2.41
C LYS B 24 -6.79 23.36 -1.65
N GLY B 25 -6.23 24.36 -2.33
CA GLY B 25 -5.25 25.26 -1.74
C GLY B 25 -3.81 24.78 -1.77
N LYS B 26 -3.59 23.54 -2.20
CA LYS B 26 -2.27 22.94 -2.13
C LYS B 26 -1.40 23.45 -3.27
N SER B 27 -0.13 23.71 -2.99
CA SER B 27 0.79 24.14 -4.05
C SER B 27 0.93 23.08 -5.14
N LYS B 28 0.92 23.52 -6.39
CA LYS B 28 1.02 22.59 -7.52
C LYS B 28 2.17 21.57 -7.36
N LYS B 29 3.20 21.92 -6.58
CA LYS B 29 4.32 21.01 -6.34
C LYS B 29 4.35 20.46 -4.91
N TRP B 30 3.17 20.13 -4.37
CA TRP B 30 3.06 19.62 -3.01
C TRP B 30 3.62 18.22 -2.82
N ARG B 31 3.43 17.33 -3.79
CA ARG B 31 3.94 15.96 -3.65
C ARG B 31 5.45 15.95 -3.46
N GLN B 32 6.13 16.96 -4.01
CA GLN B 32 7.57 17.10 -3.83
C GLN B 32 7.87 17.57 -2.42
N MET B 33 7.06 18.50 -1.94
CA MET B 33 7.23 19.04 -0.60
C MET B 33 6.99 17.97 0.48
N LEU B 34 6.27 16.92 0.14
CA LEU B 34 5.93 15.84 1.07
C LEU B 34 6.52 14.48 0.66
N GLN B 35 7.69 14.50 0.07
CA GLN B 35 8.32 13.27 -0.39
C GLN B 35 8.83 12.44 0.78
N PHE B 36 8.52 11.15 0.80
CA PHE B 36 9.03 10.33 1.89
C PHE B 36 10.54 10.29 1.81
N PRO B 37 11.19 10.11 2.95
CA PRO B 37 12.63 9.97 3.04
C PRO B 37 13.01 8.56 2.76
N HIS B 38 14.31 8.31 2.64
CA HIS B 38 14.79 6.94 2.46
C HIS B 38 14.64 6.24 3.79
N ILE B 39 14.48 4.92 3.76
CA ILE B 39 14.36 4.15 4.99
C ILE B 39 15.55 4.39 5.89
N SER B 40 16.74 4.44 5.28
CA SER B 40 17.98 4.64 6.01
C SER B 40 18.00 5.94 6.81
N GLN B 41 17.25 6.95 6.37
CA GLN B 41 17.16 8.19 7.13
C GLN B 41 16.31 8.08 8.39
N CYS B 42 15.56 6.99 8.52
CA CYS B 42 14.69 6.83 9.67
C CYS B 42 15.38 6.07 10.80
N GLU B 43 16.63 5.66 10.58
CA GLU B 43 17.37 4.92 11.59
C GLU B 43 17.46 5.66 12.93
N GLU B 44 17.76 6.96 12.89
CA GLU B 44 17.85 7.74 14.10
C GLU B 44 16.53 7.68 14.89
N LEU B 45 15.42 7.84 14.16
CA LEU B 45 14.08 7.77 14.74
C LEU B 45 13.74 6.38 15.27
N ARG B 46 14.17 5.34 14.57
CA ARG B 46 13.78 4.00 14.94
C ARG B 46 14.45 3.57 16.25
N LEU B 47 15.65 4.10 16.50
CA LEU B 47 16.34 3.78 17.75
C LEU B 47 15.91 4.71 18.92
N SER B 48 15.35 5.88 18.62
CA SER B 48 15.00 6.85 19.65
C SER B 48 13.57 6.72 20.13
N LEU B 49 12.64 6.70 19.18
CA LEU B 49 11.24 6.74 19.51
C LEU B 49 10.92 5.78 20.65
N GLU B 50 10.34 6.32 21.71
CA GLU B 50 9.83 5.52 22.79
C GLU B 50 8.74 4.62 22.24
N ARG B 51 8.81 3.35 22.59
CA ARG B 51 7.86 2.38 22.07
C ARG B 51 6.71 2.23 23.03
N ASP B 52 5.71 3.10 22.87
CA ASP B 52 4.69 3.25 23.89
C ASP B 52 3.31 3.11 23.32
N TYR B 53 2.79 1.88 23.41
CA TYR B 53 1.45 1.58 22.92
C TYR B 53 0.54 2.77 22.92
N HIS B 54 0.44 3.44 24.06
CA HIS B 54 -0.45 4.59 24.16
C HIS B 54 -0.08 5.70 23.16
N SER B 55 1.13 6.20 23.22
CA SER B 55 1.54 7.28 22.30
C SER B 55 1.45 6.84 20.84
N LEU B 56 1.90 5.62 20.54
CA LEU B 56 2.07 5.16 19.16
C LEU B 56 0.83 4.58 18.49
N CYS B 57 -0.16 4.12 19.28
CA CYS B 57 -1.34 3.43 18.72
C CYS B 57 -2.67 3.98 19.22
N GLU B 58 -2.65 5.08 19.96
CA GLU B 58 -3.88 5.60 20.49
C GLU B 58 -3.94 7.11 20.40
N ARG B 59 -2.93 7.79 20.93
CA ARG B 59 -2.98 9.22 20.97
C ARG B 59 -2.68 9.85 19.62
N GLN B 60 -1.71 9.30 18.90
CA GLN B 60 -1.17 9.91 17.68
C GLN B 60 -1.92 9.45 16.44
N PRO B 61 -2.92 10.22 15.99
CA PRO B 61 -3.86 9.76 14.98
C PRO B 61 -3.24 8.93 13.86
N ILE B 62 -2.23 9.44 13.17
CA ILE B 62 -1.63 8.58 12.12
C ILE B 62 -1.19 7.28 12.76
N GLY B 63 -0.41 7.38 13.84
CA GLY B 63 -0.02 6.20 14.58
C GLY B 63 -1.20 5.25 14.64
N ARG B 64 -2.33 5.74 15.12
CA ARG B 64 -3.53 4.92 15.27
C ARG B 64 -3.96 4.35 13.93
N LEU B 65 -4.35 5.21 12.98
CA LEU B 65 -4.67 4.74 11.62
C LEU B 65 -3.73 3.62 11.16
N LEU B 66 -2.45 3.90 11.15
CA LEU B 66 -1.48 2.93 10.70
C LEU B 66 -1.61 1.64 11.49
N PHE B 67 -1.77 1.74 12.81
CA PHE B 67 -1.93 0.53 13.60
C PHE B 67 -3.21 -0.23 13.22
N ARG B 68 -4.32 0.50 13.14
CA ARG B 68 -5.58 -0.06 12.70
C ARG B 68 -5.38 -0.80 11.40
N GLU B 69 -4.78 -0.11 10.44
CA GLU B 69 -4.53 -0.68 9.11
C GLU B 69 -3.79 -2.00 9.23
N PHE B 70 -2.84 -2.08 10.15
CA PHE B 70 -2.06 -3.31 10.28
C PHE B 70 -2.95 -4.44 10.80
N CYS B 71 -3.75 -4.12 11.83
CA CYS B 71 -4.68 -5.07 12.40
C CYS B 71 -5.63 -5.57 11.33
N ALA B 72 -5.95 -4.71 10.38
CA ALA B 72 -6.83 -5.10 9.30
C ALA B 72 -6.31 -6.31 8.50
N THR B 73 -5.00 -6.53 8.47
CA THR B 73 -4.44 -7.64 7.68
C THR B 73 -4.77 -8.99 8.32
N ARG B 74 -5.03 -9.00 9.62
CA ARG B 74 -5.26 -10.23 10.35
C ARG B 74 -6.66 -10.24 10.97
N PRO B 75 -7.50 -11.21 10.56
CA PRO B 75 -8.89 -11.24 10.98
C PRO B 75 -9.09 -11.27 12.48
N GLU B 76 -8.25 -12.04 13.19
CA GLU B 76 -8.38 -12.09 14.65
C GLU B 76 -8.22 -10.68 15.22
N LEU B 77 -7.22 -9.95 14.72
CA LEU B 77 -6.99 -8.57 15.16
C LEU B 77 -8.04 -7.62 14.61
N SER B 78 -8.44 -7.82 13.35
CA SER B 78 -9.45 -6.96 12.76
C SER B 78 -10.70 -6.88 13.62
N ARG B 79 -11.21 -8.03 14.06
CA ARG B 79 -12.47 -8.01 14.81
C ARG B 79 -12.32 -7.34 16.19
N CYS B 80 -11.18 -7.55 16.86
CA CYS B 80 -10.89 -6.81 18.08
C CYS B 80 -11.19 -5.34 17.89
N VAL B 81 -10.69 -4.75 16.80
CA VAL B 81 -10.94 -3.35 16.52
C VAL B 81 -12.44 -3.15 16.36
N ALA B 82 -13.03 -3.82 15.37
CA ALA B 82 -14.48 -3.70 15.14
C ALA B 82 -15.26 -3.71 16.44
N PHE B 83 -14.79 -4.51 17.39
CA PHE B 83 -15.42 -4.62 18.68
C PHE B 83 -15.27 -3.36 19.49
N LEU B 84 -14.03 -2.88 19.63
CA LEU B 84 -13.80 -1.65 20.39
C LEU B 84 -14.64 -0.51 19.82
N ASP B 85 -14.67 -0.42 18.49
CA ASP B 85 -15.46 0.60 17.80
C ASP B 85 -16.92 0.56 18.22
N GLY B 86 -17.48 -0.64 18.26
CA GLY B 86 -18.88 -0.84 18.65
C GLY B 86 -19.12 -0.30 20.04
N VAL B 87 -18.31 -0.75 21.00
CA VAL B 87 -18.41 -0.29 22.38
C VAL B 87 -18.24 1.22 22.47
N ALA B 88 -17.22 1.74 21.80
CA ALA B 88 -17.00 3.18 21.75
C ALA B 88 -18.29 3.90 21.35
N GLU B 89 -18.91 3.45 20.26
CA GLU B 89 -20.17 4.03 19.78
C GLU B 89 -21.29 3.80 20.78
N TYR B 90 -21.32 2.62 21.37
CA TYR B 90 -22.36 2.26 22.34
C TYR B 90 -22.34 3.20 23.55
N GLU B 91 -21.16 3.45 24.11
CA GLU B 91 -21.03 4.35 25.27
C GLU B 91 -21.56 5.76 25.01
N VAL B 92 -21.63 6.16 23.74
CA VAL B 92 -22.13 7.48 23.37
C VAL B 92 -23.53 7.44 22.74
N THR B 93 -24.09 6.25 22.56
CA THR B 93 -25.44 6.11 22.03
C THR B 93 -26.47 6.49 23.10
N PRO B 94 -27.51 7.26 22.73
CA PRO B 94 -28.51 7.72 23.71
C PRO B 94 -29.34 6.60 24.31
N ASP B 95 -30.03 6.91 25.41
CA ASP B 95 -30.75 5.93 26.21
C ASP B 95 -31.83 5.16 25.45
N ASP B 96 -32.55 5.85 24.57
CA ASP B 96 -33.69 5.24 23.87
C ASP B 96 -33.32 4.20 22.80
N LYS B 97 -32.09 4.25 22.31
CA LYS B 97 -31.60 3.26 21.33
C LYS B 97 -30.55 2.31 21.90
N ARG B 98 -30.07 2.58 23.11
CA ARG B 98 -28.89 1.91 23.66
C ARG B 98 -28.98 0.39 23.68
N LYS B 99 -30.00 -0.16 24.36
CA LYS B 99 -30.13 -1.61 24.47
C LYS B 99 -30.26 -2.28 23.10
N ALA B 100 -30.83 -1.56 22.15
CA ALA B 100 -30.92 -2.03 20.77
C ALA B 100 -29.54 -2.17 20.14
N CYS B 101 -28.70 -1.16 20.34
CA CYS B 101 -27.33 -1.16 19.83
C CYS B 101 -26.46 -2.17 20.58
N GLY B 102 -26.72 -2.35 21.87
CA GLY B 102 -25.97 -3.30 22.69
C GLY B 102 -26.09 -4.74 22.23
N ARG B 103 -27.29 -5.11 21.78
CA ARG B 103 -27.55 -6.48 21.32
C ARG B 103 -26.93 -6.76 19.95
N GLN B 104 -26.81 -5.71 19.12
CA GLN B 104 -26.11 -5.80 17.83
C GLN B 104 -24.70 -6.32 18.02
N LEU B 105 -24.04 -5.86 19.08
CA LEU B 105 -22.67 -6.26 19.38
C LEU B 105 -22.66 -7.67 19.97
N THR B 106 -23.43 -7.85 21.04
CA THR B 106 -23.49 -9.14 21.74
C THR B 106 -23.62 -10.31 20.77
N GLN B 107 -24.63 -10.24 19.91
CA GLN B 107 -24.89 -11.30 18.93
C GLN B 107 -23.77 -11.47 17.93
N ASN B 108 -23.11 -10.37 17.56
CA ASN B 108 -22.00 -10.43 16.62
C ASN B 108 -20.73 -10.97 17.26
N PHE B 109 -20.23 -10.26 18.27
CA PHE B 109 -18.90 -10.53 18.81
C PHE B 109 -18.85 -11.61 19.89
N LEU B 110 -19.99 -11.95 20.48
CA LEU B 110 -20.01 -12.93 21.57
C LEU B 110 -20.99 -14.08 21.35
N SER B 111 -21.09 -14.55 20.11
CA SER B 111 -21.83 -15.77 19.82
C SER B 111 -20.94 -16.94 20.22
N HIS B 112 -21.47 -17.83 21.07
CA HIS B 112 -20.67 -18.96 21.58
C HIS B 112 -20.47 -20.10 20.58
N THR B 113 -21.03 -19.98 19.37
CA THR B 113 -20.81 -20.93 18.29
C THR B 113 -19.61 -20.54 17.42
N GLY B 114 -19.46 -19.24 17.15
CA GLY B 114 -18.41 -18.74 16.26
C GLY B 114 -17.04 -18.63 16.89
N PRO B 115 -16.05 -18.10 16.14
CA PRO B 115 -14.67 -17.96 16.62
C PRO B 115 -14.52 -17.08 17.87
N ASP B 116 -13.43 -17.27 18.60
CA ASP B 116 -13.15 -16.50 19.82
C ASP B 116 -12.75 -15.06 19.49
N LEU B 117 -13.02 -14.15 20.43
CA LEU B 117 -12.59 -12.75 20.30
C LEU B 117 -11.09 -12.67 20.57
N ILE B 118 -10.69 -12.92 21.81
CA ILE B 118 -9.27 -13.01 22.17
C ILE B 118 -8.92 -14.48 22.33
N PRO B 119 -7.64 -14.84 22.17
CA PRO B 119 -7.21 -16.24 22.30
C PRO B 119 -7.69 -16.93 23.58
N GLU B 120 -7.76 -16.18 24.68
CA GLU B 120 -8.19 -16.74 25.97
C GLU B 120 -9.25 -15.85 26.63
N VAL B 121 -10.52 -16.23 26.46
CA VAL B 121 -11.66 -15.48 27.01
C VAL B 121 -12.41 -16.31 28.07
N PRO B 122 -12.25 -15.96 29.36
CA PRO B 122 -13.00 -16.63 30.43
C PRO B 122 -14.51 -16.61 30.18
N ARG B 123 -15.15 -17.75 30.39
CA ARG B 123 -16.57 -17.91 30.10
C ARG B 123 -17.48 -17.17 31.07
N GLN B 124 -17.14 -17.20 32.36
CA GLN B 124 -17.96 -16.55 33.40
C GLN B 124 -18.15 -15.06 33.12
N LEU B 125 -17.13 -14.42 32.56
CA LEU B 125 -17.19 -13.02 32.18
C LEU B 125 -18.18 -12.74 31.04
N VAL B 126 -18.53 -13.77 30.28
CA VAL B 126 -19.44 -13.63 29.14
C VAL B 126 -20.91 -13.72 29.59
N THR B 127 -21.23 -14.73 30.39
CA THR B 127 -22.59 -14.91 30.91
C THR B 127 -23.07 -13.67 31.65
N ASN B 128 -22.15 -13.07 32.41
CA ASN B 128 -22.45 -11.88 33.20
C ASN B 128 -22.89 -10.69 32.35
N CYS B 129 -22.39 -10.61 31.12
CA CYS B 129 -22.70 -9.49 30.23
C CYS B 129 -24.12 -9.63 29.66
N THR B 130 -24.48 -10.85 29.25
CA THR B 130 -25.84 -11.14 28.78
C THR B 130 -26.88 -10.76 29.81
N GLN B 131 -26.56 -11.05 31.07
CA GLN B 131 -27.44 -10.77 32.20
C GLN B 131 -27.53 -9.27 32.48
N ARG B 132 -26.37 -8.65 32.74
CA ARG B 132 -26.30 -7.22 33.08
C ARG B 132 -26.90 -6.32 32.00
N LEU B 133 -26.84 -6.76 30.75
CA LEU B 133 -27.36 -5.99 29.62
C LEU B 133 -28.87 -5.77 29.71
N GLU B 134 -29.63 -6.87 29.80
CA GLU B 134 -31.09 -6.81 29.72
C GLU B 134 -31.76 -6.19 30.95
N GLN B 135 -31.05 -6.14 32.08
CA GLN B 135 -31.58 -5.53 33.31
C GLN B 135 -31.45 -4.00 33.26
N GLY B 136 -30.22 -3.53 33.09
CA GLY B 136 -29.92 -2.09 33.08
C GLY B 136 -28.65 -1.80 32.31
N PRO B 137 -28.77 -1.46 31.02
CA PRO B 137 -27.58 -1.23 30.18
C PRO B 137 -26.86 0.05 30.55
N CYS B 138 -25.94 -0.04 31.51
CA CYS B 138 -25.19 1.12 31.97
C CYS B 138 -24.07 1.49 30.98
N LYS B 139 -23.38 2.58 31.27
CA LYS B 139 -22.30 3.07 30.42
C LYS B 139 -21.03 2.19 30.49
N ASP B 140 -20.82 1.51 31.62
CA ASP B 140 -19.60 0.72 31.85
C ASP B 140 -19.83 -0.79 31.68
N LEU B 141 -20.79 -1.18 30.86
CA LEU B 141 -21.20 -2.58 30.74
C LEU B 141 -20.08 -3.51 30.28
N PHE B 142 -19.39 -3.10 29.21
CA PHE B 142 -18.35 -3.93 28.60
C PHE B 142 -16.97 -3.63 29.13
N GLN B 143 -16.85 -2.63 30.02
CA GLN B 143 -15.57 -2.14 30.51
C GLN B 143 -14.55 -3.25 30.83
N GLU B 144 -15.00 -4.40 31.31
CA GLU B 144 -14.10 -5.53 31.60
C GLU B 144 -13.51 -6.15 30.32
N LEU B 145 -14.34 -6.30 29.28
CA LEU B 145 -13.88 -6.84 28.00
C LEU B 145 -12.94 -5.88 27.27
N THR B 146 -13.34 -4.62 27.24
CA THR B 146 -12.50 -3.56 26.68
C THR B 146 -11.12 -3.56 27.32
N ARG B 147 -11.08 -3.75 28.63
CA ARG B 147 -9.82 -3.73 29.37
C ARG B 147 -8.90 -4.89 28.97
N LEU B 148 -9.50 -6.05 28.71
CA LEU B 148 -8.74 -7.24 28.34
C LEU B 148 -8.29 -7.17 26.89
N THR B 149 -9.18 -6.68 26.03
CA THR B 149 -8.86 -6.46 24.63
C THR B 149 -7.63 -5.57 24.50
N HIS B 150 -7.62 -4.43 25.19
CA HIS B 150 -6.48 -3.51 25.14
C HIS B 150 -5.22 -4.15 25.70
N GLU B 151 -5.34 -4.90 26.77
CA GLU B 151 -4.18 -5.61 27.33
C GLU B 151 -3.63 -6.66 26.37
N TYR B 152 -4.49 -7.21 25.51
CA TYR B 152 -4.08 -8.16 24.49
C TYR B 152 -3.31 -7.46 23.39
N LEU B 153 -3.87 -6.36 22.87
CA LEU B 153 -3.27 -5.66 21.75
C LEU B 153 -1.95 -5.00 22.14
N SER B 154 -1.90 -4.43 23.34
CA SER B 154 -0.73 -3.68 23.77
C SER B 154 0.54 -4.54 23.88
N VAL B 155 0.38 -5.85 23.86
CA VAL B 155 1.52 -6.76 23.96
C VAL B 155 1.94 -7.36 22.60
N ALA B 156 1.42 -8.54 22.25
CA ALA B 156 1.98 -9.27 21.11
C ALA B 156 1.76 -8.53 19.79
N PRO B 157 0.51 -8.13 19.51
CA PRO B 157 0.25 -7.47 18.25
C PRO B 157 1.00 -6.14 18.11
N PHE B 158 1.11 -5.39 19.21
CA PHE B 158 1.95 -4.19 19.22
C PHE B 158 3.34 -4.57 18.74
N ALA B 159 3.95 -5.54 19.40
CA ALA B 159 5.30 -5.92 19.05
C ALA B 159 5.38 -6.27 17.55
N ASP B 160 4.35 -7.00 17.08
CA ASP B 160 4.29 -7.42 15.68
C ASP B 160 4.24 -6.22 14.76
N TYR B 161 3.26 -5.35 14.99
CA TYR B 161 3.17 -4.06 14.28
C TYR B 161 4.53 -3.40 14.22
N LEU B 162 5.11 -3.14 15.38
CA LEU B 162 6.40 -2.48 15.47
C LEU B 162 7.43 -3.07 14.49
N ASP B 163 7.32 -4.38 14.28
CA ASP B 163 8.24 -5.13 13.41
C ASP B 163 7.53 -5.45 12.08
N SER B 164 6.79 -4.48 11.57
CA SER B 164 6.02 -4.62 10.33
C SER B 164 6.29 -3.43 9.43
N ILE B 165 5.95 -3.62 8.16
CA ILE B 165 6.07 -2.56 7.19
C ILE B 165 5.29 -1.31 7.61
N TYR B 166 4.18 -1.49 8.30
CA TYR B 166 3.33 -0.36 8.64
C TYR B 166 4.12 0.61 9.53
N PHE B 167 4.93 0.07 10.43
CA PHE B 167 5.77 0.92 11.29
C PHE B 167 6.78 1.67 10.43
N ASN B 168 7.45 0.95 9.51
CA ASN B 168 8.35 1.62 8.59
C ASN B 168 7.66 2.86 8.01
N ARG B 169 6.44 2.69 7.55
CA ARG B 169 5.69 3.81 7.01
C ARG B 169 5.56 4.93 8.04
N PHE B 170 5.06 4.58 9.21
CA PHE B 170 4.92 5.55 10.29
C PHE B 170 6.22 6.30 10.48
N LEU B 171 7.33 5.57 10.53
CA LEU B 171 8.58 6.24 10.84
C LEU B 171 8.82 7.32 9.80
N GLN B 172 8.55 7.02 8.55
CA GLN B 172 8.69 8.02 7.49
C GLN B 172 7.77 9.18 7.74
N TRP B 173 6.51 8.89 8.08
CA TRP B 173 5.58 9.96 8.40
C TRP B 173 6.19 10.79 9.51
N LYS B 174 6.68 10.13 10.55
CA LYS B 174 7.14 10.87 11.70
C LYS B 174 8.35 11.72 11.31
N TRP B 175 9.20 11.17 10.43
CA TRP B 175 10.31 11.94 9.89
C TRP B 175 9.81 13.22 9.25
N LEU B 176 8.70 13.15 8.50
CA LEU B 176 8.13 14.37 7.95
C LEU B 176 7.77 15.35 9.07
N GLU B 177 6.98 14.98 10.07
CA GLU B 177 6.62 15.99 11.11
C GLU B 177 7.87 16.61 11.74
N ARG B 178 8.93 15.84 11.97
CA ARG B 178 10.12 16.35 12.67
C ARG B 178 11.01 17.25 11.80
N GLN B 179 10.68 17.41 10.52
CA GLN B 179 11.37 18.35 9.67
C GLN B 179 11.17 19.79 10.18
N PRO B 180 12.05 20.73 9.75
CA PRO B 180 11.96 22.08 10.27
C PRO B 180 10.93 22.89 9.48
N VAL B 181 10.47 23.97 10.10
CA VAL B 181 9.39 24.79 9.58
C VAL B 181 9.89 26.23 9.47
N THR B 182 9.50 26.92 8.40
CA THR B 182 9.91 28.31 8.18
C THR B 182 8.84 29.10 7.48
N LYS B 183 9.07 30.41 7.37
CA LYS B 183 8.35 31.29 6.43
C LYS B 183 7.84 30.51 5.22
N ASN B 184 8.75 29.79 4.58
CA ASN B 184 8.43 29.10 3.35
C ASN B 184 7.38 28.02 3.49
N THR B 185 7.23 27.45 4.68
CA THR B 185 6.20 26.46 4.87
C THR B 185 4.84 27.05 4.51
N PHE B 186 4.62 28.32 4.83
CA PHE B 186 3.29 28.94 4.73
C PHE B 186 3.14 30.06 3.71
N ARG B 187 1.89 30.37 3.39
CA ARG B 187 1.51 31.58 2.66
C ARG B 187 0.84 32.54 3.63
N GLN B 188 1.38 33.74 3.77
CA GLN B 188 0.88 34.72 4.73
C GLN B 188 -0.15 35.64 4.10
N TYR B 189 -1.25 35.88 4.81
CA TYR B 189 -2.32 36.76 4.32
C TYR B 189 -2.57 37.96 5.25
N ARG B 190 -3.70 38.64 5.03
CA ARG B 190 -4.05 39.85 5.76
C ARG B 190 -4.12 39.63 7.27
N VAL B 191 -3.87 40.70 8.04
CA VAL B 191 -3.93 40.62 9.50
C VAL B 191 -5.38 40.68 9.97
N LEU B 192 -5.65 39.98 11.07
CA LEU B 192 -6.98 39.93 11.68
C LEU B 192 -7.06 40.68 13.00
N GLY B 193 -5.91 41.12 13.52
CA GLY B 193 -5.89 41.84 14.78
C GLY B 193 -4.50 42.12 15.32
N LYS B 194 -4.42 43.06 16.25
CA LYS B 194 -3.19 43.36 16.95
C LYS B 194 -3.22 42.69 18.32
N GLY B 195 -2.47 41.60 18.45
CA GLY B 195 -2.24 40.97 19.75
C GLY B 195 -1.48 41.89 20.69
N GLY B 196 -1.19 41.40 21.88
CA GLY B 196 -0.41 42.15 22.86
C GLY B 196 0.95 42.49 22.29
N PHE B 197 1.61 41.48 21.71
CA PHE B 197 2.99 41.61 21.25
C PHE B 197 3.12 41.68 19.73
N GLY B 198 2.02 41.61 18.99
CA GLY B 198 2.11 41.69 17.53
C GLY B 198 0.86 41.34 16.75
N GLU B 199 1.02 41.27 15.44
CA GLU B 199 -0.07 40.96 14.52
C GLU B 199 -0.58 39.52 14.69
N VAL B 200 -1.84 39.30 14.32
CA VAL B 200 -2.39 37.97 14.20
C VAL B 200 -3.07 37.91 12.84
N CYS B 201 -2.42 37.24 11.89
CA CYS B 201 -2.90 37.18 10.51
C CYS B 201 -3.29 35.78 10.09
N ALA B 202 -4.17 35.68 9.10
CA ALA B 202 -4.53 34.39 8.54
C ALA B 202 -3.38 33.86 7.70
N CYS B 203 -3.36 32.54 7.50
CA CYS B 203 -2.31 31.93 6.69
C CYS B 203 -2.71 30.54 6.23
N GLN B 204 -1.85 29.94 5.40
CA GLN B 204 -2.12 28.64 4.80
C GLN B 204 -0.84 27.83 4.70
N VAL B 205 -0.91 26.56 5.11
CA VAL B 205 0.17 25.62 4.88
C VAL B 205 0.23 25.38 3.38
N ARG B 206 1.42 25.46 2.80
CA ARG B 206 1.54 25.34 1.36
C ARG B 206 1.34 23.92 0.91
N ALA B 207 2.04 22.98 1.54
CA ALA B 207 2.01 21.60 1.10
C ALA B 207 0.66 20.92 1.33
N THR B 208 -0.22 21.49 2.14
CA THR B 208 -1.53 20.84 2.40
C THR B 208 -2.76 21.74 2.23
N GLY B 209 -2.54 23.05 2.25
CA GLY B 209 -3.63 24.01 2.11
C GLY B 209 -4.59 24.13 3.28
N LYS B 210 -4.28 23.52 4.41
CA LYS B 210 -5.08 23.74 5.61
C LYS B 210 -4.76 25.14 6.04
N MET B 211 -5.78 25.86 6.46
CA MET B 211 -5.61 27.22 6.90
C MET B 211 -5.46 27.27 8.40
N TYR B 212 -4.70 28.25 8.84
CA TYR B 212 -4.44 28.49 10.23
C TYR B 212 -4.43 29.99 10.45
N ALA B 213 -4.65 30.39 11.70
CA ALA B 213 -4.34 31.75 12.16
C ALA B 213 -2.90 31.75 12.62
N CYS B 214 -2.18 32.83 12.37
CA CYS B 214 -0.78 32.91 12.80
C CYS B 214 -0.54 34.13 13.71
N LYS B 215 -0.52 33.87 15.01
CA LYS B 215 -0.21 34.89 16.03
C LYS B 215 1.30 35.14 16.02
N LYS B 216 1.67 36.39 15.73
CA LYS B 216 3.07 36.79 15.69
C LYS B 216 3.43 37.55 16.97
N LEU B 217 4.60 37.22 17.50
CA LEU B 217 5.18 37.95 18.62
C LEU B 217 6.49 38.55 18.14
N GLU B 218 6.61 39.87 18.18
CA GLU B 218 7.78 40.56 17.64
C GLU B 218 8.96 40.41 18.59
N LYS B 219 10.07 39.93 18.07
CA LYS B 219 11.25 39.61 18.90
C LYS B 219 11.66 40.77 19.80
N LYS B 220 11.64 41.97 19.24
CA LYS B 220 12.05 43.18 19.97
C LYS B 220 11.03 43.55 21.04
N ARG B 221 9.76 43.65 20.67
CA ARG B 221 8.70 43.96 21.64
C ARG B 221 8.72 42.99 22.83
N ILE B 222 9.07 41.74 22.59
CA ILE B 222 9.20 40.75 23.67
C ILE B 222 10.35 41.10 24.61
N LYS B 223 11.48 41.53 24.06
CA LYS B 223 12.62 41.90 24.87
C LYS B 223 12.34 43.19 25.64
N LYS B 224 11.72 44.16 24.99
CA LYS B 224 11.41 45.45 25.61
C LYS B 224 10.49 45.27 26.83
N ARG B 225 9.39 44.54 26.65
CA ARG B 225 8.43 44.31 27.74
C ARG B 225 8.84 43.18 28.69
N LYS B 226 9.92 42.48 28.36
CA LYS B 226 10.33 41.28 29.10
C LYS B 226 9.16 40.31 29.25
N GLY B 227 8.70 39.79 28.10
CA GLY B 227 7.61 38.82 28.06
C GLY B 227 8.08 37.46 27.59
N GLU B 228 9.36 37.18 27.80
CA GLU B 228 9.97 35.92 27.37
C GLU B 228 9.20 34.74 27.95
N ALA B 229 9.01 34.78 29.27
CA ALA B 229 8.19 33.79 29.95
C ALA B 229 6.80 33.77 29.34
N MET B 230 6.12 34.92 29.32
CA MET B 230 4.74 35.00 28.80
C MET B 230 4.58 34.31 27.45
N ALA B 231 5.54 34.51 26.55
CA ALA B 231 5.51 33.87 25.24
C ALA B 231 5.58 32.36 25.41
N LEU B 232 6.75 31.89 25.83
CA LEU B 232 6.98 30.46 26.05
C LEU B 232 5.81 29.81 26.78
N ASN B 233 5.28 30.53 27.74
CA ASN B 233 4.16 30.06 28.55
C ASN B 233 2.97 29.71 27.67
N GLU B 234 2.59 30.62 26.79
CA GLU B 234 1.47 30.35 25.89
C GLU B 234 1.77 29.13 25.01
N LYS B 235 3.00 29.03 24.53
CA LYS B 235 3.43 27.93 23.67
C LYS B 235 3.23 26.61 24.39
N GLN B 236 3.93 26.44 25.50
CA GLN B 236 3.96 25.18 26.23
C GLN B 236 2.56 24.70 26.62
N ILE B 237 1.71 25.63 27.02
CA ILE B 237 0.33 25.28 27.39
C ILE B 237 -0.45 24.77 26.19
N LEU B 238 -0.49 25.58 25.13
CA LEU B 238 -1.27 25.26 23.95
C LEU B 238 -0.76 24.01 23.23
N GLU B 239 0.55 23.81 23.29
CA GLU B 239 1.18 22.61 22.76
C GLU B 239 0.54 21.39 23.41
N LYS B 240 0.41 21.41 24.73
CA LYS B 240 0.03 20.22 25.49
C LYS B 240 -1.49 20.03 25.62
N VAL B 241 -2.24 21.11 25.76
CA VAL B 241 -3.69 21.01 25.88
C VAL B 241 -4.25 20.49 24.57
N ASN B 242 -5.15 19.52 24.64
CA ASN B 242 -5.75 18.92 23.43
C ASN B 242 -7.28 18.93 23.56
N SER B 243 -7.82 20.13 23.73
CA SER B 243 -9.23 20.31 24.04
C SER B 243 -10.03 20.92 22.90
N ARG B 244 -11.25 20.42 22.73
CA ARG B 244 -12.16 20.94 21.72
C ARG B 244 -12.53 22.42 21.90
N PHE B 245 -12.47 22.94 23.13
CA PHE B 245 -12.82 24.34 23.36
C PHE B 245 -11.61 25.22 23.65
N VAL B 246 -10.44 24.76 23.22
CA VAL B 246 -9.28 25.63 23.18
C VAL B 246 -8.72 25.60 21.78
N VAL B 247 -8.13 26.71 21.36
CA VAL B 247 -7.45 26.72 20.09
C VAL B 247 -6.24 25.80 20.20
N SER B 248 -5.98 25.04 19.14
CA SER B 248 -4.88 24.11 19.16
C SER B 248 -3.71 24.71 18.39
N LEU B 249 -2.50 24.32 18.77
CA LEU B 249 -1.29 24.83 18.15
C LEU B 249 -0.69 23.75 17.27
N ALA B 250 -0.49 24.07 15.99
CA ALA B 250 0.08 23.12 15.04
C ALA B 250 1.57 23.37 14.82
N TYR B 251 2.01 24.63 14.93
CA TYR B 251 3.41 24.95 14.67
C TYR B 251 3.94 26.06 15.56
N ALA B 252 5.25 26.03 15.78
CA ALA B 252 5.96 27.11 16.46
C ALA B 252 7.33 27.25 15.79
N TYR B 253 7.56 28.42 15.19
CA TYR B 253 8.80 28.68 14.45
C TYR B 253 9.18 30.14 14.55
N GLU B 254 10.42 30.45 14.15
CA GLU B 254 10.91 31.83 14.21
C GLU B 254 11.14 32.44 12.83
N THR B 255 10.74 33.70 12.67
CA THR B 255 11.14 34.50 11.52
C THR B 255 12.34 35.35 11.98
N LYS B 256 12.82 36.22 11.09
CA LYS B 256 13.95 37.09 11.40
C LYS B 256 13.56 38.10 12.46
N ASP B 257 12.32 38.58 12.38
CA ASP B 257 11.83 39.65 13.27
C ASP B 257 10.69 39.21 14.20
N ALA B 258 10.43 37.91 14.30
CA ALA B 258 9.30 37.42 15.14
C ALA B 258 9.36 35.95 15.50
N LEU B 259 8.69 35.63 16.61
CA LEU B 259 8.37 34.24 16.97
C LEU B 259 6.88 34.02 16.75
N CYS B 260 6.53 32.98 16.00
CA CYS B 260 5.14 32.79 15.60
C CYS B 260 4.55 31.49 16.11
N LEU B 261 3.29 31.55 16.53
CA LEU B 261 2.52 30.37 16.89
C LEU B 261 1.43 30.23 15.85
N VAL B 262 1.31 29.03 15.27
CA VAL B 262 0.29 28.76 14.28
C VAL B 262 -0.85 28.03 14.96
N LEU B 263 -2.02 28.65 14.94
CA LEU B 263 -3.17 28.20 15.72
C LEU B 263 -4.36 27.91 14.82
N THR B 264 -5.37 27.26 15.38
CA THR B 264 -6.62 27.04 14.67
C THR B 264 -7.14 28.36 14.13
N LEU B 265 -7.66 28.36 12.91
CA LEU B 265 -8.21 29.58 12.33
C LEU B 265 -9.71 29.66 12.62
N MET B 266 -10.11 30.73 13.28
CA MET B 266 -11.48 30.91 13.71
C MET B 266 -12.16 31.90 12.78
N ASN B 267 -12.73 31.38 11.70
CA ASN B 267 -13.34 32.21 10.64
C ASN B 267 -14.59 32.97 11.09
N GLY B 268 -15.14 32.58 12.23
CA GLY B 268 -16.29 33.26 12.80
C GLY B 268 -15.95 34.45 13.70
N GLY B 269 -14.68 34.85 13.74
CA GLY B 269 -14.25 36.02 14.50
C GLY B 269 -14.43 35.88 16.01
N ASP B 270 -14.35 37.00 16.74
CA ASP B 270 -14.43 36.98 18.20
C ASP B 270 -15.78 37.50 18.71
N LEU B 271 -16.01 37.34 20.01
CA LEU B 271 -17.27 37.74 20.62
C LEU B 271 -17.37 39.24 20.85
N LYS B 272 -16.22 39.90 21.05
CA LYS B 272 -16.22 41.36 21.18
C LYS B 272 -16.86 41.95 19.94
N PHE B 273 -16.38 41.54 18.78
CA PHE B 273 -16.94 41.99 17.51
C PHE B 273 -18.43 41.66 17.42
N HIS B 274 -18.79 40.43 17.76
CA HIS B 274 -20.18 39.97 17.63
C HIS B 274 -21.17 40.65 18.57
N ILE B 275 -20.71 41.09 19.74
CA ILE B 275 -21.60 41.74 20.70
C ILE B 275 -21.95 43.18 20.29
N TYR B 276 -20.94 43.95 19.92
CA TYR B 276 -21.09 45.37 19.69
C TYR B 276 -21.43 45.68 18.24
N HIS B 277 -20.56 45.24 17.33
CA HIS B 277 -20.66 45.60 15.92
C HIS B 277 -21.45 44.56 15.12
N MET B 278 -22.69 44.29 15.51
CA MET B 278 -23.51 43.28 14.83
C MET B 278 -25.00 43.56 15.02
N GLY B 279 -25.45 44.68 14.48
CA GLY B 279 -26.82 45.16 14.68
C GLY B 279 -26.95 45.74 16.07
N GLN B 280 -27.99 45.34 16.79
CA GLN B 280 -28.20 45.78 18.17
C GLN B 280 -27.18 45.10 19.09
N ALA B 281 -26.83 45.76 20.18
CA ALA B 281 -25.86 45.23 21.13
C ALA B 281 -26.42 44.01 21.85
N GLY B 282 -25.60 42.97 21.98
CA GLY B 282 -25.96 41.77 22.73
C GLY B 282 -26.73 40.74 21.92
N PHE B 283 -26.85 39.53 22.48
CA PHE B 283 -27.54 38.43 21.84
C PHE B 283 -28.80 38.09 22.62
N PRO B 284 -29.74 37.33 22.02
CA PRO B 284 -30.85 36.74 22.77
C PRO B 284 -30.39 35.91 23.97
N GLU B 285 -31.35 35.32 24.70
CA GLU B 285 -31.01 34.50 25.87
C GLU B 285 -30.46 33.14 25.47
N ALA B 286 -31.22 32.41 24.65
CA ALA B 286 -30.82 31.06 24.21
C ALA B 286 -29.36 31.01 23.77
N ARG B 287 -28.97 31.98 22.94
CA ARG B 287 -27.62 32.04 22.38
C ARG B 287 -26.55 32.24 23.47
N ALA B 288 -26.63 33.36 24.19
CA ALA B 288 -25.64 33.69 25.20
C ALA B 288 -25.44 32.56 26.20
N VAL B 289 -26.50 31.80 26.45
CA VAL B 289 -26.42 30.63 27.33
C VAL B 289 -25.57 29.54 26.70
N PHE B 290 -25.86 29.21 25.44
CA PHE B 290 -25.06 28.21 24.73
C PHE B 290 -23.58 28.55 24.93
N TYR B 291 -23.18 29.74 24.48
CA TYR B 291 -21.78 30.14 24.54
C TYR B 291 -21.22 30.04 25.96
N ALA B 292 -22.00 30.42 26.96
CA ALA B 292 -21.56 30.29 28.34
C ALA B 292 -21.26 28.82 28.62
N ALA B 293 -22.17 27.94 28.23
CA ALA B 293 -22.02 26.52 28.50
C ALA B 293 -20.77 25.94 27.82
N GLU B 294 -20.46 26.38 26.61
CA GLU B 294 -19.22 25.97 25.97
C GLU B 294 -18.06 26.54 26.78
N ILE B 295 -18.04 27.86 26.97
CA ILE B 295 -16.99 28.50 27.77
C ILE B 295 -16.79 27.75 29.09
N CYS B 296 -17.88 27.22 29.64
CA CYS B 296 -17.80 26.41 30.84
C CYS B 296 -16.93 25.18 30.58
N CYS B 297 -17.27 24.42 29.55
CA CYS B 297 -16.52 23.21 29.19
C CYS B 297 -15.03 23.45 29.01
N GLY B 298 -14.70 24.58 28.39
CA GLY B 298 -13.31 24.93 28.14
C GLY B 298 -12.59 25.10 29.45
N LEU B 299 -13.28 25.72 30.39
CA LEU B 299 -12.70 25.98 31.69
C LEU B 299 -12.57 24.69 32.47
N GLU B 300 -13.63 23.89 32.48
CA GLU B 300 -13.54 22.55 33.06
C GLU B 300 -12.30 21.86 32.50
N ASP B 301 -12.22 21.77 31.16
CA ASP B 301 -11.07 21.22 30.48
C ASP B 301 -9.75 21.79 31.03
N LEU B 302 -9.63 23.10 31.07
CA LEU B 302 -8.41 23.74 31.54
C LEU B 302 -8.10 23.39 33.00
N HIS B 303 -9.10 23.52 33.85
CA HIS B 303 -8.94 23.32 35.30
C HIS B 303 -8.60 21.88 35.63
N ARG B 304 -9.16 20.98 34.84
CA ARG B 304 -8.90 19.56 34.97
C ARG B 304 -7.41 19.26 34.68
N GLU B 305 -6.75 20.21 34.02
CA GLU B 305 -5.30 20.14 33.80
C GLU B 305 -4.54 21.11 34.74
N ARG B 306 -5.17 21.51 35.85
CA ARG B 306 -4.49 22.38 36.81
C ARG B 306 -3.96 23.68 36.17
N ILE B 307 -4.72 24.21 35.21
CA ILE B 307 -4.39 25.51 34.64
C ILE B 307 -5.53 26.47 34.93
N VAL B 308 -5.16 27.68 35.31
CA VAL B 308 -6.10 28.76 35.49
C VAL B 308 -5.84 29.76 34.37
N TYR B 309 -6.92 30.23 33.74
CA TYR B 309 -6.85 31.01 32.51
C TYR B 309 -6.48 32.46 32.80
N ARG B 310 -7.23 33.08 33.71
CA ARG B 310 -7.01 34.46 34.16
C ARG B 310 -7.12 35.51 33.05
N ASP B 311 -7.90 35.26 32.01
CA ASP B 311 -8.14 36.31 31.00
C ASP B 311 -9.32 35.98 30.08
N LEU B 312 -10.41 35.51 30.67
CA LEU B 312 -11.63 35.31 29.92
C LEU B 312 -12.22 36.68 29.65
N LYS B 313 -12.43 37.00 28.37
CA LYS B 313 -13.10 38.23 27.94
C LYS B 313 -13.52 38.06 26.49
N PRO B 314 -14.43 38.92 25.99
CA PRO B 314 -15.00 38.73 24.64
C PRO B 314 -13.97 38.60 23.52
N GLU B 315 -12.98 39.50 23.50
CA GLU B 315 -11.97 39.51 22.43
C GLU B 315 -11.09 38.25 22.40
N ASN B 316 -11.00 37.53 23.52
CA ASN B 316 -10.25 36.28 23.60
C ASN B 316 -11.09 35.02 23.48
N ILE B 317 -12.39 35.15 23.25
CA ILE B 317 -13.21 33.98 22.86
C ILE B 317 -13.47 34.11 21.38
N LEU B 318 -13.43 32.98 20.67
CA LEU B 318 -13.47 32.97 19.21
C LEU B 318 -14.44 31.93 18.67
N LEU B 319 -14.90 32.14 17.43
CA LEU B 319 -15.88 31.26 16.78
C LEU B 319 -15.38 30.58 15.49
N ASP B 320 -15.68 29.29 15.37
CA ASP B 320 -15.22 28.47 14.25
C ASP B 320 -16.20 28.53 13.08
N ASP B 321 -15.95 27.73 12.05
CA ASP B 321 -16.80 27.71 10.84
C ASP B 321 -18.26 27.39 11.13
N HIS B 322 -18.50 26.50 12.09
CA HIS B 322 -19.85 26.01 12.35
C HIS B 322 -20.55 26.80 13.45
N GLY B 323 -19.79 27.57 14.22
CA GLY B 323 -20.37 28.46 15.24
C GLY B 323 -20.14 28.09 16.69
N HIS B 324 -19.30 27.09 16.94
CA HIS B 324 -18.89 26.75 18.31
C HIS B 324 -17.71 27.65 18.73
N ILE B 325 -17.41 27.70 20.03
CA ILE B 325 -16.39 28.64 20.52
C ILE B 325 -15.14 27.96 21.02
N ARG B 326 -14.07 28.75 21.12
CA ARG B 326 -12.81 28.28 21.68
C ARG B 326 -12.05 29.41 22.37
N ILE B 327 -11.62 29.15 23.59
CA ILE B 327 -10.77 30.05 24.36
C ILE B 327 -9.48 30.34 23.59
N SER B 328 -8.80 31.43 23.91
CA SER B 328 -7.55 31.76 23.25
C SER B 328 -6.73 32.83 23.99
N ASP B 329 -5.53 33.12 23.48
CA ASP B 329 -4.61 34.11 24.07
C ASP B 329 -4.34 33.72 25.50
N LEU B 330 -3.71 32.57 25.69
CA LEU B 330 -3.41 32.07 27.03
C LEU B 330 -2.04 32.53 27.51
N GLY B 331 -1.70 33.77 27.21
CA GLY B 331 -0.43 34.34 27.65
C GLY B 331 -0.39 34.42 29.16
N LEU B 332 -1.50 34.85 29.74
CA LEU B 332 -1.57 35.09 31.18
C LEU B 332 -1.92 33.86 32.01
N ALA B 333 -2.18 32.72 31.37
CA ALA B 333 -2.52 31.49 32.13
C ALA B 333 -1.29 30.95 32.83
N VAL B 334 -1.51 30.05 33.79
CA VAL B 334 -0.40 29.48 34.55
C VAL B 334 -0.78 28.19 35.28
N HIS B 335 0.19 27.29 35.40
CA HIS B 335 0.00 26.02 36.07
C HIS B 335 -0.22 26.22 37.57
N VAL B 336 -1.08 25.40 38.17
CA VAL B 336 -1.39 25.49 39.60
C VAL B 336 -1.18 24.15 40.29
N PRO B 337 -0.04 23.96 40.95
CA PRO B 337 0.26 22.64 41.55
C PRO B 337 -0.90 22.15 42.38
N GLU B 338 -1.07 20.82 42.48
CA GLU B 338 -2.18 20.29 43.25
C GLU B 338 -2.02 20.71 44.71
N GLY B 339 -3.15 20.95 45.37
CA GLY B 339 -3.16 21.31 46.79
C GLY B 339 -2.62 22.69 47.14
N GLN B 340 -2.35 23.50 46.11
CA GLN B 340 -1.70 24.80 46.29
C GLN B 340 -2.51 25.93 45.68
N THR B 341 -2.07 27.17 45.93
CA THR B 341 -2.65 28.38 45.35
C THR B 341 -1.53 29.34 44.94
N ILE B 342 -1.85 30.28 44.05
CA ILE B 342 -0.87 31.29 43.65
C ILE B 342 -1.38 32.70 43.88
N LYS B 343 -0.47 33.66 43.81
CA LYS B 343 -0.82 35.07 43.87
C LYS B 343 -0.25 35.79 42.65
N GLY B 344 -1.06 36.70 42.12
CA GLY B 344 -0.68 37.47 40.94
C GLY B 344 -1.76 38.48 40.58
N ARG B 345 -1.33 39.72 40.39
CA ARG B 345 -2.23 40.80 39.99
C ARG B 345 -2.20 40.91 38.46
N VAL B 346 -2.96 40.03 37.80
CA VAL B 346 -2.92 39.93 36.34
C VAL B 346 -4.27 39.61 35.72
N GLY B 347 -4.51 40.18 34.55
CA GLY B 347 -5.77 40.01 33.83
C GLY B 347 -6.12 41.25 33.01
N THR B 348 -7.40 41.37 32.70
CA THR B 348 -7.92 42.54 32.01
C THR B 348 -8.81 43.33 32.97
N VAL B 349 -8.54 44.63 33.08
CA VAL B 349 -9.26 45.51 33.99
C VAL B 349 -10.76 45.56 33.65
N GLY B 350 -11.59 45.00 34.53
CA GLY B 350 -13.03 44.93 34.30
C GLY B 350 -13.55 43.51 34.29
N TYR B 351 -12.65 42.55 34.10
CA TYR B 351 -12.99 41.13 34.22
C TYR B 351 -12.26 40.46 35.36
N MET B 352 -11.25 41.13 35.94
CA MET B 352 -10.56 40.62 37.12
C MET B 352 -11.51 40.58 38.33
N ALA B 353 -11.28 39.61 39.21
CA ALA B 353 -12.13 39.36 40.38
C ALA B 353 -11.53 39.94 41.65
N PRO B 354 -12.38 40.19 42.68
CA PRO B 354 -11.96 40.91 43.87
C PRO B 354 -10.60 40.47 44.39
N GLU B 355 -10.51 39.18 44.73
CA GLU B 355 -9.31 38.58 45.32
C GLU B 355 -8.06 38.79 44.49
N VAL B 356 -8.24 38.91 43.16
CA VAL B 356 -7.12 39.24 42.28
C VAL B 356 -6.75 40.71 42.46
N VAL B 357 -7.77 41.57 42.47
CA VAL B 357 -7.55 43.00 42.69
C VAL B 357 -6.92 43.22 44.07
N LYS B 358 -7.41 42.46 45.05
CA LYS B 358 -6.89 42.52 46.42
C LYS B 358 -5.50 41.87 46.59
N ASN B 359 -4.90 41.35 45.52
CA ASN B 359 -3.60 40.67 45.59
C ASN B 359 -3.64 39.51 46.59
N GLU B 360 -4.78 38.83 46.66
CA GLU B 360 -4.96 37.68 47.55
C GLU B 360 -4.58 36.39 46.81
N ARG B 361 -4.61 35.26 47.51
CA ARG B 361 -4.30 33.95 46.92
C ARG B 361 -5.55 33.26 46.37
N TYR B 362 -5.35 32.35 45.41
CA TYR B 362 -6.48 31.67 44.75
C TYR B 362 -6.04 30.45 43.94
N THR B 363 -7.03 29.66 43.54
CA THR B 363 -6.84 28.57 42.59
C THR B 363 -7.60 28.89 41.31
N PHE B 364 -8.85 28.42 41.20
CA PHE B 364 -9.59 28.51 39.95
C PHE B 364 -10.78 29.49 39.99
N SER B 365 -10.86 30.33 41.02
CA SER B 365 -12.00 31.25 41.20
C SER B 365 -12.10 32.30 40.09
N PRO B 366 -10.99 33.01 39.80
CA PRO B 366 -11.07 34.13 38.87
C PRO B 366 -11.75 33.81 37.54
N ASP B 367 -11.61 32.57 37.06
CA ASP B 367 -12.18 32.19 35.76
C ASP B 367 -13.69 32.16 35.85
N TRP B 368 -14.22 31.54 36.88
CA TRP B 368 -15.66 31.49 37.07
C TRP B 368 -16.27 32.88 37.31
N TRP B 369 -15.51 33.75 37.98
CA TRP B 369 -15.89 35.16 38.08
C TRP B 369 -15.97 35.76 36.69
N ALA B 370 -14.88 35.62 35.94
CA ALA B 370 -14.82 36.12 34.58
C ALA B 370 -15.96 35.58 33.71
N LEU B 371 -16.42 34.36 33.99
CA LEU B 371 -17.52 33.77 33.25
C LEU B 371 -18.82 34.53 33.51
N GLY B 372 -19.00 34.98 34.74
CA GLY B 372 -20.14 35.83 35.08
C GLY B 372 -20.05 37.14 34.30
N CYS B 373 -18.92 37.83 34.45
CA CYS B 373 -18.64 39.04 33.70
C CYS B 373 -18.99 38.89 32.22
N LEU B 374 -18.68 37.73 31.65
CA LEU B 374 -18.98 37.48 30.25
C LEU B 374 -20.49 37.26 30.06
N LEU B 375 -21.05 36.29 30.79
CA LEU B 375 -22.47 35.98 30.65
C LEU B 375 -23.34 37.20 30.89
N TYR B 376 -22.87 38.09 31.77
CA TYR B 376 -23.48 39.41 31.93
C TYR B 376 -23.39 40.13 30.60
N GLU B 377 -22.17 40.49 30.21
CA GLU B 377 -21.93 41.32 29.02
C GLU B 377 -22.63 40.81 27.76
N MET B 378 -22.89 39.51 27.69
CA MET B 378 -23.57 38.94 26.54
C MET B 378 -25.06 39.29 26.55
N ILE B 379 -25.70 39.21 27.70
CA ILE B 379 -27.12 39.51 27.79
C ILE B 379 -27.38 41.02 27.92
N ALA B 380 -26.64 41.65 28.83
CA ALA B 380 -26.76 43.09 29.06
C ALA B 380 -26.41 43.89 27.82
N GLY B 381 -25.36 43.48 27.14
CA GLY B 381 -24.79 44.24 26.03
C GLY B 381 -23.75 45.25 26.48
N GLN B 382 -23.45 45.25 27.77
CA GLN B 382 -22.50 46.19 28.35
C GLN B 382 -21.68 45.50 29.43
N SER B 383 -20.44 45.97 29.63
CA SER B 383 -19.59 45.49 30.71
C SER B 383 -20.17 45.94 32.04
N PRO B 384 -20.25 45.03 33.03
CA PRO B 384 -20.87 45.37 34.31
C PRO B 384 -20.12 46.46 35.10
N PHE B 385 -18.85 46.64 34.82
CA PHE B 385 -18.03 47.62 35.54
C PHE B 385 -17.26 48.56 34.59
N GLN B 386 -17.80 48.77 33.38
CA GLN B 386 -17.20 49.66 32.39
C GLN B 386 -18.25 50.10 31.39
N LYS B 390 -17.83 55.37 26.96
CA LYS B 390 -17.40 56.31 27.98
C LYS B 390 -16.23 55.74 28.78
N LYS B 391 -15.10 56.44 28.75
CA LYS B 391 -13.85 55.95 29.33
C LYS B 391 -13.76 56.25 30.82
N ILE B 392 -13.46 55.22 31.60
CA ILE B 392 -13.25 55.33 33.04
C ILE B 392 -11.79 54.99 33.35
N LYS B 393 -11.28 55.44 34.48
CA LYS B 393 -9.91 55.13 34.89
C LYS B 393 -9.87 53.90 35.80
N ARG B 394 -8.66 53.38 36.01
CA ARG B 394 -8.45 52.14 36.76
C ARG B 394 -9.17 52.06 38.09
N GLU B 395 -8.79 52.94 39.01
CA GLU B 395 -9.16 52.80 40.42
C GLU B 395 -10.68 52.80 40.67
N GLU B 396 -11.43 53.54 39.83
CA GLU B 396 -12.88 53.61 39.98
C GLU B 396 -13.56 52.29 39.67
N VAL B 397 -13.07 51.60 38.63
CA VAL B 397 -13.62 50.32 38.22
C VAL B 397 -13.36 49.25 39.28
N GLU B 398 -12.16 49.26 39.83
CA GLU B 398 -11.77 48.31 40.88
C GLU B 398 -12.64 48.50 42.14
N ARG B 399 -12.94 49.75 42.45
CA ARG B 399 -13.84 50.07 43.56
C ARG B 399 -15.24 49.53 43.28
N LEU B 400 -15.70 49.75 42.05
CA LEU B 400 -17.04 49.29 41.64
C LEU B 400 -17.17 47.78 41.78
N VAL B 401 -16.07 47.06 41.55
CA VAL B 401 -16.08 45.60 41.65
C VAL B 401 -16.02 45.14 43.11
N LYS B 402 -15.04 45.65 43.86
CA LYS B 402 -14.82 45.22 45.25
C LYS B 402 -16.04 45.43 46.14
N GLU B 403 -16.76 46.53 45.92
CA GLU B 403 -17.83 46.95 46.84
C GLU B 403 -19.23 46.88 46.22
N VAL B 404 -19.43 47.55 45.09
CA VAL B 404 -20.76 47.69 44.50
C VAL B 404 -21.27 46.38 43.91
N PRO B 405 -22.52 46.01 44.24
CA PRO B 405 -23.11 44.81 43.64
C PRO B 405 -23.52 45.07 42.20
N GLU B 406 -23.71 44.00 41.45
CA GLU B 406 -24.03 44.10 40.02
C GLU B 406 -25.42 44.69 39.80
N GLU B 407 -25.57 45.41 38.69
CA GLU B 407 -26.78 46.15 38.37
C GLU B 407 -27.47 45.50 37.18
N TYR B 408 -28.71 45.04 37.37
CA TYR B 408 -29.42 44.29 36.34
C TYR B 408 -30.42 45.13 35.56
N SER B 409 -30.53 44.87 34.27
CA SER B 409 -31.61 45.40 33.44
C SER B 409 -32.75 44.40 33.46
N GLU B 410 -33.77 44.64 32.65
CA GLU B 410 -34.94 43.76 32.59
C GLU B 410 -34.90 42.79 31.42
N ARG B 411 -33.75 42.71 30.74
CA ARG B 411 -33.53 41.71 29.70
C ARG B 411 -33.46 40.32 30.33
N PHE B 412 -32.89 40.25 31.52
CA PHE B 412 -32.59 38.98 32.20
C PHE B 412 -33.88 38.26 32.58
N SER B 413 -33.83 36.93 32.53
CA SER B 413 -34.94 36.09 32.99
C SER B 413 -34.75 35.84 34.49
N PRO B 414 -35.73 35.20 35.14
CA PRO B 414 -35.58 34.92 36.57
C PRO B 414 -34.31 34.10 36.87
N GLN B 415 -34.18 32.95 36.24
CA GLN B 415 -33.05 32.05 36.50
C GLN B 415 -31.74 32.66 36.02
N ALA B 416 -31.77 33.34 34.87
CA ALA B 416 -30.59 34.01 34.33
C ALA B 416 -29.90 34.88 35.38
N ARG B 417 -30.70 35.60 36.15
CA ARG B 417 -30.18 36.48 37.19
C ARG B 417 -29.41 35.71 38.26
N SER B 418 -29.95 34.58 38.69
CA SER B 418 -29.38 33.81 39.80
C SER B 418 -27.97 33.31 39.49
N LEU B 419 -27.74 32.87 38.26
CA LEU B 419 -26.44 32.36 37.87
C LEU B 419 -25.40 33.46 37.86
N CYS B 420 -25.67 34.53 37.12
CA CYS B 420 -24.74 35.65 37.01
C CYS B 420 -24.31 36.14 38.38
N SER B 421 -25.29 36.27 39.28
CA SER B 421 -25.03 36.75 40.64
C SER B 421 -24.23 35.73 41.44
N GLN B 422 -24.67 34.46 41.41
CA GLN B 422 -23.93 33.38 42.09
C GLN B 422 -22.49 33.31 41.59
N LEU B 423 -22.29 33.57 40.31
CA LEU B 423 -20.96 33.64 39.72
C LEU B 423 -20.24 34.91 40.14
N LEU B 424 -20.98 36.03 40.18
CA LEU B 424 -20.42 37.32 40.59
C LEU B 424 -20.54 37.59 42.09
N CYS B 425 -20.64 36.52 42.88
CA CYS B 425 -20.49 36.62 44.33
C CYS B 425 -19.05 37.02 44.62
N LYS B 426 -18.88 38.04 45.45
CA LYS B 426 -17.56 38.66 45.66
C LYS B 426 -16.66 37.85 46.58
N ASP B 427 -17.22 36.94 47.37
CA ASP B 427 -16.42 36.04 48.18
C ASP B 427 -16.20 34.75 47.40
N PRO B 428 -14.93 34.40 47.14
CA PRO B 428 -14.65 33.19 46.39
C PRO B 428 -15.13 31.92 47.09
N ALA B 429 -14.99 31.86 48.42
CA ALA B 429 -15.39 30.67 49.19
C ALA B 429 -16.88 30.35 49.05
N GLU B 430 -17.68 31.37 48.76
CA GLU B 430 -19.12 31.20 48.51
C GLU B 430 -19.48 31.25 47.02
N ARG B 431 -18.54 31.66 46.16
CA ARG B 431 -18.80 31.77 44.74
C ARG B 431 -19.12 30.42 44.12
N LEU B 432 -19.96 30.42 43.10
CA LEU B 432 -20.33 29.18 42.41
C LEU B 432 -19.09 28.63 41.69
N GLY B 433 -18.88 27.32 41.80
CA GLY B 433 -17.74 26.66 41.15
C GLY B 433 -16.52 26.50 42.03
N CYS B 434 -16.36 27.37 43.03
CA CYS B 434 -15.17 27.36 43.89
C CYS B 434 -15.43 26.70 45.24
N ARG B 435 -16.67 26.31 45.50
CA ARG B 435 -17.05 25.68 46.76
C ARG B 435 -16.34 24.33 46.97
N GLY B 436 -16.01 23.65 45.88
CA GLY B 436 -15.41 22.32 45.94
C GLY B 436 -16.06 21.31 45.00
N GLY B 437 -17.26 21.62 44.52
CA GLY B 437 -17.90 20.81 43.48
C GLY B 437 -17.26 21.05 42.11
N SER B 438 -16.70 22.24 41.91
CA SER B 438 -16.08 22.64 40.65
C SER B 438 -17.17 22.75 39.57
N ALA B 439 -16.77 22.63 38.31
CA ALA B 439 -17.70 22.84 37.20
C ALA B 439 -19.05 22.11 37.34
N ARG B 440 -19.07 20.98 38.05
CA ARG B 440 -20.31 20.25 38.29
C ARG B 440 -21.49 21.16 38.66
N GLU B 441 -21.31 21.96 39.71
CA GLU B 441 -22.41 22.79 40.20
C GLU B 441 -22.82 23.87 39.20
N VAL B 442 -21.85 24.40 38.46
CA VAL B 442 -22.14 25.42 37.45
C VAL B 442 -22.95 24.83 36.29
N LYS B 443 -22.68 23.57 35.96
CA LYS B 443 -23.40 22.89 34.90
C LYS B 443 -24.85 22.61 35.30
N GLU B 444 -25.03 22.17 36.53
CA GLU B 444 -26.31 21.67 36.99
C GLU B 444 -27.31 22.78 37.32
N HIS B 445 -26.84 24.02 37.38
CA HIS B 445 -27.71 25.18 37.53
C HIS B 445 -28.90 25.08 36.56
N PRO B 446 -30.09 25.49 37.00
CA PRO B 446 -31.28 25.30 36.14
C PRO B 446 -31.36 26.22 34.90
N LEU B 447 -30.40 27.12 34.72
CA LEU B 447 -30.32 27.90 33.49
C LEU B 447 -29.99 27.00 32.29
N PHE B 448 -29.34 25.87 32.57
CA PHE B 448 -29.02 24.87 31.55
C PHE B 448 -30.03 23.71 31.59
N LYS B 449 -31.31 24.05 31.71
CA LYS B 449 -32.40 23.08 31.63
C LYS B 449 -32.28 22.25 30.36
N LYS B 450 -32.19 22.96 29.24
CA LYS B 450 -32.44 22.38 27.92
C LYS B 450 -31.20 21.76 27.27
N LEU B 451 -30.06 21.84 27.95
CA LEU B 451 -28.79 21.41 27.38
C LEU B 451 -28.28 20.13 28.01
N ASN B 452 -27.72 19.26 27.17
CA ASN B 452 -27.04 18.05 27.62
C ASN B 452 -25.53 18.26 27.56
N PHE B 453 -24.92 18.46 28.73
CA PHE B 453 -23.49 18.74 28.82
C PHE B 453 -22.60 17.60 28.35
N LYS B 454 -23.12 16.38 28.38
CA LYS B 454 -22.41 15.24 27.81
C LYS B 454 -22.27 15.43 26.29
N ARG B 455 -23.39 15.70 25.64
CA ARG B 455 -23.41 15.85 24.18
C ARG B 455 -22.75 17.15 23.71
N LEU B 456 -22.83 18.21 24.49
CA LEU B 456 -22.13 19.45 24.16
C LEU B 456 -20.62 19.21 24.22
N GLY B 457 -20.20 18.39 25.18
CA GLY B 457 -18.79 18.10 25.37
C GLY B 457 -18.18 17.30 24.25
N ALA B 458 -19.01 16.67 23.43
CA ALA B 458 -18.55 15.93 22.24
C ALA B 458 -18.79 16.67 20.92
N GLY B 459 -19.29 17.90 20.99
CA GLY B 459 -19.58 18.68 19.79
C GLY B 459 -20.74 18.17 18.97
N MET B 460 -21.74 17.60 19.64
CA MET B 460 -22.86 16.96 18.96
C MET B 460 -24.13 17.81 18.91
N LEU B 461 -24.16 18.92 19.64
CA LEU B 461 -25.35 19.78 19.66
C LEU B 461 -25.19 20.88 18.64
N GLU B 462 -26.28 21.22 17.97
CA GLU B 462 -26.28 22.34 17.03
C GLU B 462 -26.18 23.63 17.83
N PRO B 463 -25.28 24.55 17.43
CA PRO B 463 -25.29 25.88 18.03
C PRO B 463 -26.32 26.76 17.35
N PRO B 464 -26.89 27.73 18.08
CA PRO B 464 -28.05 28.48 17.59
C PRO B 464 -27.74 29.38 16.40
N PHE B 465 -26.55 29.97 16.35
CA PHE B 465 -26.14 30.86 15.26
C PHE B 465 -24.99 30.27 14.45
N LYS B 466 -25.18 30.17 13.13
CA LYS B 466 -24.15 29.70 12.22
C LYS B 466 -23.62 30.86 11.37
N PRO B 467 -22.35 31.26 11.57
CA PRO B 467 -21.77 32.36 10.80
C PRO B 467 -21.87 32.18 9.30
N ASP B 468 -21.97 33.29 8.58
CA ASP B 468 -21.92 33.26 7.13
C ASP B 468 -20.49 32.95 6.71
N PRO B 469 -20.31 31.94 5.85
CA PRO B 469 -18.96 31.54 5.46
C PRO B 469 -18.24 32.57 4.61
N GLN B 470 -19.01 33.39 3.88
CA GLN B 470 -18.46 34.41 2.98
C GLN B 470 -18.29 35.77 3.65
N ALA B 471 -18.53 35.83 4.97
CA ALA B 471 -18.39 37.05 5.74
C ALA B 471 -17.09 37.01 6.53
N ILE B 472 -16.36 38.13 6.54
CA ILE B 472 -15.20 38.30 7.40
C ILE B 472 -15.64 39.11 8.62
N TYR B 473 -15.61 38.49 9.79
CA TYR B 473 -16.11 39.12 11.00
C TYR B 473 -15.01 39.82 11.78
N CYS B 474 -14.37 40.79 11.12
CA CYS B 474 -13.53 41.78 11.82
C CYS B 474 -13.30 43.00 10.93
N LYS B 475 -12.58 43.99 11.44
CA LYS B 475 -12.37 45.25 10.74
C LYS B 475 -11.57 45.08 9.46
N ASP B 476 -11.60 46.09 8.60
CA ASP B 476 -10.78 46.09 7.40
C ASP B 476 -9.33 46.40 7.76
N VAL B 477 -8.42 46.11 6.83
CA VAL B 477 -6.99 46.09 7.12
C VAL B 477 -6.45 47.41 7.65
N LEU B 478 -6.78 48.49 6.95
CA LEU B 478 -6.29 49.82 7.32
C LEU B 478 -7.02 50.41 8.52
N ASP B 479 -8.14 49.79 8.92
CA ASP B 479 -8.84 50.17 10.14
C ASP B 479 -8.32 49.36 11.33
N ILE B 480 -7.00 49.36 11.51
CA ILE B 480 -6.37 48.59 12.58
C ILE B 480 -5.15 49.31 13.14
N GLU B 481 -4.98 49.22 14.46
CA GLU B 481 -3.89 49.88 15.15
C GLU B 481 -2.53 49.36 14.68
N GLN B 482 -1.49 50.14 14.96
CA GLN B 482 -0.13 49.75 14.61
C GLN B 482 0.87 50.59 15.39
N PHE B 483 1.19 50.15 16.60
CA PHE B 483 2.01 50.94 17.54
C PHE B 483 3.40 51.26 16.98
N SER B 484 3.98 52.35 17.47
CA SER B 484 5.30 52.81 17.05
C SER B 484 6.33 51.68 17.15
N THR B 485 6.84 51.26 15.99
CA THR B 485 7.91 50.26 15.95
C THR B 485 9.20 50.87 16.49
N VAL B 486 9.32 50.86 17.81
CA VAL B 486 10.40 51.57 18.50
C VAL B 486 11.76 50.90 18.26
N LYS B 487 12.74 51.72 17.89
CA LYS B 487 14.12 51.28 17.73
C LYS B 487 14.84 51.51 19.06
N GLY B 488 16.05 50.97 19.16
CA GLY B 488 16.89 51.17 20.34
C GLY B 488 16.98 49.93 21.20
N VAL B 489 17.10 48.78 20.55
CA VAL B 489 17.22 47.49 21.22
C VAL B 489 17.93 46.51 20.30
N GLU B 490 19.12 46.07 20.68
CA GLU B 490 19.87 45.08 19.90
C GLU B 490 19.55 43.67 20.38
N LEU B 491 19.47 42.75 19.42
CA LEU B 491 19.22 41.35 19.71
C LEU B 491 20.54 40.69 20.10
N GLU B 492 20.54 39.91 21.18
CA GLU B 492 21.77 39.41 21.77
C GLU B 492 21.72 37.91 22.05
N PRO B 493 22.90 37.25 22.10
CA PRO B 493 23.07 35.82 22.37
C PRO B 493 22.17 35.21 23.45
N THR B 494 21.84 35.97 24.49
CA THR B 494 20.93 35.49 25.54
C THR B 494 19.57 35.09 24.97
N ASP B 495 19.11 35.84 23.97
CA ASP B 495 17.79 35.62 23.38
C ASP B 495 17.79 34.49 22.33
N GLN B 496 18.95 34.22 21.74
CA GLN B 496 19.08 33.14 20.76
C GLN B 496 18.76 31.79 21.41
N ASP B 497 19.38 31.54 22.56
CA ASP B 497 19.14 30.31 23.31
C ASP B 497 17.67 30.18 23.72
N PHE B 498 17.01 31.32 23.90
CA PHE B 498 15.58 31.35 24.15
C PHE B 498 14.81 31.01 22.89
N TYR B 499 15.19 31.63 21.77
CA TYR B 499 14.48 31.42 20.52
C TYR B 499 14.51 29.95 20.10
N GLN B 500 15.63 29.29 20.32
CA GLN B 500 15.75 27.87 20.08
C GLN B 500 14.74 27.11 20.93
N LYS B 501 14.66 27.45 22.22
CA LYS B 501 13.76 26.78 23.15
C LYS B 501 12.29 26.96 22.72
N PHE B 502 11.99 28.06 22.04
CA PHE B 502 10.63 28.34 21.57
C PHE B 502 10.33 27.62 20.27
N ALA B 503 11.13 27.87 19.25
CA ALA B 503 10.89 27.31 17.92
C ALA B 503 11.17 25.81 17.89
N THR B 504 10.17 25.03 18.26
CA THR B 504 10.26 23.58 18.29
C THR B 504 9.68 22.90 17.03
N GLY B 505 9.11 23.71 16.14
CA GLY B 505 8.54 23.19 14.91
C GLY B 505 7.13 22.67 15.10
N SER B 506 6.81 21.59 14.42
CA SER B 506 5.44 21.12 14.35
C SER B 506 5.02 20.34 15.58
N VAL B 507 3.73 20.44 15.88
CA VAL B 507 3.12 19.77 17.03
C VAL B 507 2.45 18.47 16.58
N PRO B 508 2.92 17.34 17.11
CA PRO B 508 2.49 16.04 16.59
C PRO B 508 0.98 15.87 16.41
N ILE B 509 0.19 15.87 17.49
CA ILE B 509 -1.21 15.45 17.31
C ILE B 509 -1.93 16.31 16.27
N PRO B 510 -1.81 17.62 16.40
CA PRO B 510 -2.39 18.52 15.40
C PRO B 510 -1.84 18.27 14.01
N TRP B 511 -0.52 18.23 13.88
CA TRP B 511 0.09 18.10 12.54
C TRP B 511 -0.43 16.86 11.84
N GLN B 512 -0.23 15.71 12.46
CA GLN B 512 -0.84 14.48 11.97
C GLN B 512 -2.29 14.74 11.57
N ASN B 513 -3.10 15.32 12.46
CA ASN B 513 -4.48 15.58 12.08
C ASN B 513 -4.47 16.28 10.74
N GLU B 514 -3.81 17.43 10.67
CA GLU B 514 -3.75 18.25 9.45
C GLU B 514 -3.63 17.37 8.24
N MET B 515 -2.62 16.52 8.23
CA MET B 515 -2.39 15.66 7.08
C MET B 515 -3.67 14.87 6.79
N VAL B 516 -4.32 14.32 7.81
CA VAL B 516 -5.45 13.41 7.58
C VAL B 516 -6.68 14.19 7.14
N GLU B 517 -6.84 15.35 7.75
CA GLU B 517 -7.95 16.23 7.41
C GLU B 517 -7.85 16.65 5.94
N THR B 518 -6.63 16.87 5.45
CA THR B 518 -6.42 17.34 4.07
C THR B 518 -6.19 16.21 3.06
N GLU B 519 -6.56 14.99 3.45
CA GLU B 519 -6.37 13.81 2.60
C GLU B 519 -4.95 13.54 2.09
N CYS B 520 -3.99 14.30 2.61
CA CYS B 520 -2.60 14.06 2.27
C CYS B 520 -2.09 12.71 2.75
N PHE B 521 -2.66 12.23 3.85
CA PHE B 521 -2.28 10.94 4.36
C PHE B 521 -2.77 9.86 3.46
N GLN B 522 -4.07 9.69 3.33
CA GLN B 522 -4.60 8.60 2.50
C GLN B 522 -3.95 8.64 1.12
N GLU B 523 -3.93 9.83 0.53
CA GLU B 523 -3.38 9.99 -0.82
C GLU B 523 -1.93 9.51 -0.95
N LEU B 524 -1.06 9.84 -0.01
CA LEU B 524 0.37 9.52 -0.13
C LEU B 524 0.76 8.27 0.63
N ASN B 525 -0.02 7.91 1.63
CA ASN B 525 0.34 6.80 2.48
C ASN B 525 0.23 5.51 1.72
N VAL B 526 -0.87 5.33 1.01
CA VAL B 526 -1.22 4.05 0.39
C VAL B 526 -0.11 3.59 -0.55
N PHE B 527 -0.04 2.30 -0.85
CA PHE B 527 0.86 1.89 -1.94
C PHE B 527 0.64 0.49 -2.51
N GLY B 528 0.83 0.38 -3.81
CA GLY B 528 0.60 -0.86 -4.54
C GLY B 528 -0.49 -0.77 -5.59
N LEU B 529 -1.08 0.41 -5.74
CA LEU B 529 -2.10 0.63 -6.74
C LEU B 529 -1.47 1.22 -7.99
N ASP B 530 -0.77 2.34 -7.81
CA ASP B 530 -0.18 3.06 -8.92
C ASP B 530 0.92 2.23 -9.57
N GLY B 531 0.95 2.24 -10.89
CA GLY B 531 1.96 1.49 -11.63
C GLY B 531 2.00 -0.01 -11.33
N SER B 532 0.86 -0.58 -10.94
CA SER B 532 0.82 -1.97 -10.49
C SER B 532 0.21 -2.92 -11.50
N VAL B 533 -0.22 -2.41 -12.65
CA VAL B 533 -0.80 -3.29 -13.66
C VAL B 533 0.30 -4.12 -14.32
N PRO B 534 0.16 -5.45 -14.31
CA PRO B 534 1.22 -6.26 -14.86
C PRO B 534 1.45 -5.92 -16.33
N PRO B 535 2.71 -5.77 -16.73
CA PRO B 535 3.03 -5.12 -17.98
C PRO B 535 2.70 -6.04 -19.13
N ASP B 536 2.50 -5.50 -20.33
CA ASP B 536 2.16 -6.31 -21.50
C ASP B 536 3.32 -7.19 -21.96
N LEU B 537 4.55 -6.74 -21.70
CA LEU B 537 5.77 -7.40 -22.16
C LEU B 537 6.83 -7.48 -21.07
N ASP B 538 7.59 -8.58 -21.04
CA ASP B 538 8.65 -8.75 -20.04
C ASP B 538 9.81 -7.79 -20.30
N TRP B 539 10.91 -7.93 -19.55
CA TRP B 539 12.03 -6.99 -19.63
C TRP B 539 12.71 -6.94 -20.98
N LYS B 540 12.80 -8.10 -21.63
CA LYS B 540 13.46 -8.21 -22.92
C LYS B 540 12.50 -7.87 -24.04
N GLY B 541 11.27 -7.53 -23.68
CA GLY B 541 10.30 -7.04 -24.65
C GLY B 541 9.48 -8.14 -25.29
N GLN B 542 9.34 -9.25 -24.59
CA GLN B 542 8.58 -10.40 -25.08
C GLN B 542 7.33 -10.62 -24.24
N PRO B 543 6.26 -11.14 -24.85
CA PRO B 543 5.04 -11.32 -24.08
C PRO B 543 5.19 -12.43 -23.03
N PRO B 544 4.37 -12.37 -21.97
CA PRO B 544 4.35 -13.44 -20.99
C PRO B 544 3.63 -14.68 -21.52
N ALA B 545 3.59 -15.71 -20.69
CA ALA B 545 3.10 -17.01 -21.09
C ALA B 545 1.78 -17.27 -20.38
N PRO B 546 0.65 -17.12 -21.10
CA PRO B 546 0.43 -16.70 -22.48
C PRO B 546 0.18 -15.19 -22.60
N PRO B 547 0.25 -14.65 -23.83
CA PRO B 547 0.19 -13.19 -24.03
C PRO B 547 -1.15 -12.54 -23.70
N LYS B 548 -1.06 -11.31 -23.19
CA LYS B 548 -2.22 -10.49 -22.82
C LYS B 548 -3.10 -10.21 -24.04
N LYS B 549 -4.37 -10.56 -23.93
CA LYS B 549 -5.28 -10.48 -25.09
C LYS B 549 -5.50 -9.06 -25.58
N GLY B 550 -5.37 -8.07 -24.70
CA GLY B 550 -5.51 -6.68 -25.07
C GLY B 550 -4.44 -6.17 -26.03
N LEU B 551 -3.25 -6.76 -25.93
CA LEU B 551 -2.14 -6.37 -26.78
C LEU B 551 -2.39 -6.86 -28.20
N LEU B 552 -2.66 -8.16 -28.31
CA LEU B 552 -2.87 -8.80 -29.60
C LEU B 552 -3.91 -8.05 -30.42
N GLN B 553 -5.05 -7.77 -29.81
CA GLN B 553 -6.17 -7.14 -30.51
C GLN B 553 -5.82 -5.75 -31.04
N ARG B 554 -5.07 -4.96 -30.27
CA ARG B 554 -4.68 -3.63 -30.73
C ARG B 554 -3.46 -3.68 -31.65
N LEU B 555 -2.71 -4.78 -31.60
CA LEU B 555 -1.60 -4.98 -32.53
C LEU B 555 -2.06 -5.44 -33.90
N PHE B 556 -3.26 -6.05 -33.98
CA PHE B 556 -3.75 -6.62 -35.24
C PHE B 556 -5.22 -6.35 -35.54
N SER B 557 -5.66 -5.10 -35.40
CA SER B 557 -7.03 -4.74 -35.75
C SER B 557 -7.17 -3.24 -35.96
#